data_4XJ7
#
_entry.id   4XJ7
#
_cell.length_a   160.620
_cell.length_b   95.780
_cell.length_c   94.750
_cell.angle_alpha   90.00
_cell.angle_beta   100.07
_cell.angle_gamma   90.00
#
_symmetry.space_group_name_H-M   'C 1 2 1'
#
loop_
_entity.id
_entity.type
_entity.pdbx_description
1 polymer "5'/3'-nucleotidase SurE"
2 non-polymer 'MAGNESIUM ION'
3 non-polymer 'PHOSPHATE ION'
4 non-polymer ADENOSINE
5 non-polymer ADENINE
6 non-polymer GLYCEROL
7 water water
#
_entity_poly.entity_id   1
_entity_poly.type   'polypeptide(L)'
_entity_poly.pdbx_seq_one_letter_code
;MRGSHHHHHHGMASMRILLSNDDGVHAPGIQTLAKALREFADVQVVAPDRNRSGASNSLTLESSLRTFTFDNGDIAVQMG
TPTDCVYLGVNALMRPRPDIVVSGINAGPNLGDDVIYSGTVAAAMAGRHLGFPALAVSLNGYQHYDTAAAVTCALLRGLS
REPLRTGRILNVNVPDLPLAQVKGIRVTRCGSRHPADKVIPQEDPRGNTLYWIGPPGDKYDAGPDTDFAAVDEGYVSVTP
LHVDLTAHSAHDVVSDWLDSVGVGTQW
;
_entity_poly.pdbx_strand_id   A,B,C,D
#
# COMPACT_ATOMS: atom_id res chain seq x y z
N HIS A 5 -9.35 2.33 50.45
CA HIS A 5 -7.98 2.23 51.09
C HIS A 5 -7.01 3.39 50.95
N HIS A 6 -7.43 4.36 50.15
CA HIS A 6 -6.64 5.51 49.67
C HIS A 6 -5.48 5.22 48.77
N HIS A 7 -5.83 5.19 47.50
CA HIS A 7 -4.87 5.05 46.40
C HIS A 7 -5.21 6.14 45.42
N HIS A 8 -4.32 6.37 44.48
CA HIS A 8 -4.51 7.45 43.55
C HIS A 8 -5.72 7.21 42.68
N HIS A 9 -5.90 5.97 42.22
CA HIS A 9 -7.06 5.55 41.45
C HIS A 9 -7.82 4.49 42.22
N HIS A 10 -9.14 4.48 42.03
CA HIS A 10 -10.03 3.42 42.56
C HIS A 10 -10.22 2.36 41.52
N GLY A 11 -9.72 1.17 41.80
CA GLY A 11 -9.78 0.02 40.83
C GLY A 11 -8.51 -0.03 39.99
N MET A 12 -8.03 -1.24 39.76
CA MET A 12 -6.95 -1.50 38.84
C MET A 12 -7.45 -1.68 37.40
N ALA A 13 -8.76 -1.87 37.22
CA ALA A 13 -9.28 -2.16 35.91
C ALA A 13 -10.74 -1.68 35.82
N SER A 14 -10.98 -0.46 36.27
CA SER A 14 -12.33 0.03 36.41
C SER A 14 -13.00 0.60 35.14
N MET A 15 -12.22 0.81 34.10
CA MET A 15 -12.67 1.41 32.86
C MET A 15 -12.05 0.54 31.77
N ARG A 16 -12.80 0.25 30.69
CA ARG A 16 -12.23 -0.49 29.52
C ARG A 16 -11.87 0.53 28.45
N ILE A 17 -10.60 0.61 28.13
CA ILE A 17 -10.14 1.68 27.20
C ILE A 17 -9.67 1.00 25.92
N LEU A 18 -10.14 1.50 24.78
CA LEU A 18 -9.53 1.17 23.50
C LEU A 18 -8.49 2.29 23.31
N LEU A 19 -7.24 1.90 23.27
CA LEU A 19 -6.12 2.87 23.09
C LEU A 19 -5.63 2.73 21.66
N SER A 20 -5.57 3.86 20.96
CA SER A 20 -5.10 3.84 19.57
C SER A 20 -4.20 5.06 19.42
N ASN A 21 -3.77 5.28 18.19
CA ASN A 21 -2.90 6.45 17.87
C ASN A 21 -2.81 6.51 16.36
N ASP A 22 -1.95 7.40 15.83
CA ASP A 22 -1.62 7.20 14.44
C ASP A 22 -0.12 7.11 14.18
N ASP A 23 0.72 7.18 15.22
CA ASP A 23 2.16 6.98 15.03
C ASP A 23 2.52 5.51 14.83
N GLY A 24 1.55 4.65 15.11
CA GLY A 24 1.66 3.19 14.96
C GLY A 24 1.90 2.49 16.29
N VAL A 25 1.59 1.21 16.31
CA VAL A 25 1.68 0.41 17.50
C VAL A 25 3.03 0.42 18.25
N HIS A 26 4.15 0.61 17.54
CA HIS A 26 5.48 0.60 18.14
C HIS A 26 5.96 1.92 18.67
N ALA A 27 5.16 2.99 18.49
CA ALA A 27 5.57 4.34 18.83
C ALA A 27 5.72 4.54 20.35
N PRO A 28 6.69 5.35 20.77
CA PRO A 28 6.89 5.56 22.20
C PRO A 28 5.71 6.26 22.85
N GLY A 29 4.99 7.12 22.14
CA GLY A 29 3.76 7.83 22.68
C GLY A 29 2.67 6.87 23.16
N ILE A 30 2.33 5.92 22.32
CA ILE A 30 1.28 4.95 22.69
C ILE A 30 1.78 3.97 23.72
N GLN A 31 3.04 3.57 23.60
CA GLN A 31 3.57 2.58 24.55
C GLN A 31 3.72 3.20 25.96
N THR A 32 4.16 4.46 26.03
CA THR A 32 4.29 5.13 27.33
C THR A 32 2.90 5.30 27.93
N LEU A 33 1.95 5.69 27.09
CA LEU A 33 0.61 5.90 27.59
C LEU A 33 -0.03 4.57 28.07
N ALA A 34 0.16 3.51 27.30
CA ALA A 34 -0.38 2.18 27.66
C ALA A 34 0.10 1.76 29.03
N LYS A 35 1.38 1.94 29.32
CA LYS A 35 1.90 1.52 30.62
C LYS A 35 1.24 2.31 31.75
N ALA A 36 1.01 3.62 31.53
CA ALA A 36 0.35 4.44 32.54
C ALA A 36 -1.11 4.02 32.74
N LEU A 37 -1.84 3.83 31.63
CA LEU A 37 -3.29 3.50 31.71
C LEU A 37 -3.50 2.12 32.33
N ARG A 38 -2.56 1.19 32.10
CA ARG A 38 -2.75 -0.19 32.59
C ARG A 38 -2.75 -0.26 34.12
N GLU A 39 -2.21 0.76 34.77
N GLU A 39 -2.24 0.77 34.79
CA GLU A 39 -2.22 0.83 36.25
CA GLU A 39 -2.23 0.76 36.27
C GLU A 39 -3.63 0.74 36.80
C GLU A 39 -3.62 0.91 36.90
N PHE A 40 -4.60 1.38 36.12
CA PHE A 40 -5.96 1.55 36.65
C PHE A 40 -7.11 1.18 35.72
N ALA A 41 -6.79 0.82 34.46
CA ALA A 41 -7.76 0.52 33.43
C ALA A 41 -7.45 -0.82 32.80
N ASP A 42 -8.48 -1.36 32.15
CA ASP A 42 -8.39 -2.56 31.32
C ASP A 42 -8.17 -2.03 29.91
N VAL A 43 -6.93 -2.12 29.43
CA VAL A 43 -6.57 -1.50 28.14
C VAL A 43 -6.39 -2.51 27.03
N GLN A 44 -7.00 -2.21 25.88
CA GLN A 44 -6.73 -2.95 24.64
C GLN A 44 -6.20 -1.95 23.61
N VAL A 45 -4.98 -2.18 23.16
CA VAL A 45 -4.40 -1.32 22.08
C VAL A 45 -4.91 -1.86 20.74
N VAL A 46 -5.39 -0.96 19.88
CA VAL A 46 -5.75 -1.35 18.54
C VAL A 46 -5.26 -0.15 17.73
N ALA A 47 -4.18 -0.34 16.98
CA ALA A 47 -3.50 0.84 16.37
C ALA A 47 -2.92 0.43 15.03
N PRO A 48 -2.54 1.44 14.21
CA PRO A 48 -2.00 1.11 12.91
C PRO A 48 -0.66 0.38 13.04
N ASP A 49 -0.34 -0.39 11.99
CA ASP A 49 0.92 -1.12 12.00
C ASP A 49 2.17 -0.30 11.77
N ARG A 50 2.01 0.94 11.32
N ARG A 50 1.99 0.91 11.25
CA ARG A 50 3.16 1.81 11.10
CA ARG A 50 3.07 1.82 10.88
C ARG A 50 2.68 3.23 11.29
C ARG A 50 2.63 3.23 11.17
N ASN A 51 3.58 4.18 11.02
CA ASN A 51 3.26 5.58 11.19
C ASN A 51 2.33 6.08 10.11
N ARG A 52 1.12 6.42 10.53
CA ARG A 52 0.13 6.94 9.63
C ARG A 52 -0.17 8.39 9.92
N SER A 53 0.82 9.10 10.45
CA SER A 53 0.64 10.56 10.60
C SER A 53 0.12 11.16 9.31
N GLY A 54 -0.86 12.05 9.45
CA GLY A 54 -1.50 12.70 8.31
C GLY A 54 -2.69 11.95 7.78
N ALA A 55 -3.08 10.86 8.44
CA ALA A 55 -4.16 10.04 7.89
C ALA A 55 -5.54 10.63 7.97
N SER A 56 -5.74 11.65 8.82
CA SER A 56 -7.05 12.27 8.96
C SER A 56 -8.08 11.21 9.24
N ASN A 57 -9.30 11.39 8.75
CA ASN A 57 -10.38 10.45 9.00
C ASN A 57 -10.53 9.47 7.84
N SER A 58 -9.40 9.11 7.21
CA SER A 58 -9.48 8.21 6.07
C SER A 58 -9.87 6.83 6.55
N LEU A 59 -10.59 6.13 5.70
CA LEU A 59 -11.19 4.79 5.94
CA LEU A 59 -10.85 4.74 6.04
C LEU A 59 -10.85 3.85 4.83
N THR A 60 -10.71 2.56 5.13
CA THR A 60 -10.49 1.56 4.10
C THR A 60 -11.84 0.94 3.71
N LEU A 61 -12.23 1.18 2.46
CA LEU A 61 -13.58 0.82 1.96
C LEU A 61 -13.54 -0.27 0.88
N GLU A 62 -12.49 -0.28 0.07
CA GLU A 62 -12.50 -1.18 -1.10
C GLU A 62 -11.80 -2.52 -0.84
N SER A 63 -11.16 -2.62 0.33
CA SER A 63 -10.53 -3.88 0.76
C SER A 63 -11.01 -4.21 2.15
N SER A 64 -10.96 -5.48 2.50
CA SER A 64 -11.08 -5.86 3.89
C SER A 64 -9.74 -5.62 4.60
N LEU A 65 -9.79 -5.63 5.93
CA LEU A 65 -8.61 -5.40 6.76
C LEU A 65 -8.19 -6.66 7.52
N ARG A 66 -6.91 -6.89 7.60
CA ARG A 66 -6.34 -7.98 8.38
C ARG A 66 -5.75 -7.43 9.65
N THR A 67 -5.85 -8.16 10.76
CA THR A 67 -5.22 -7.71 12.01
C THR A 67 -4.02 -8.61 12.35
N PHE A 68 -3.16 -8.12 13.24
CA PHE A 68 -2.03 -8.92 13.74
C PHE A 68 -1.96 -8.68 15.23
N THR A 69 -1.88 -9.77 16.00
CA THR A 69 -1.83 -9.65 17.46
C THR A 69 -0.43 -9.97 17.99
N PHE A 70 0.13 -9.06 18.77
CA PHE A 70 1.46 -9.20 19.34
C PHE A 70 1.39 -10.08 20.60
N ASP A 71 2.55 -10.52 21.07
CA ASP A 71 2.62 -11.41 22.24
C ASP A 71 2.02 -10.77 23.49
N ASN A 72 2.14 -9.45 23.59
CA ASN A 72 1.57 -8.73 24.71
C ASN A 72 0.04 -8.46 24.59
N GLY A 73 -0.58 -8.88 23.49
CA GLY A 73 -2.02 -8.71 23.31
C GLY A 73 -2.40 -7.47 22.48
N ASP A 74 -1.43 -6.61 22.23
CA ASP A 74 -1.69 -5.42 21.38
C ASP A 74 -2.16 -5.89 20.00
N ILE A 75 -3.07 -5.14 19.35
CA ILE A 75 -3.48 -5.47 18.01
C ILE A 75 -3.06 -4.34 17.06
N ALA A 76 -2.37 -4.71 15.98
CA ALA A 76 -2.21 -3.79 14.85
C ALA A 76 -3.20 -4.13 13.76
N VAL A 77 -3.82 -3.12 13.15
CA VAL A 77 -4.57 -3.35 11.93
C VAL A 77 -3.60 -3.11 10.77
N GLN A 78 -3.36 -4.16 9.99
CA GLN A 78 -2.38 -4.10 8.89
C GLN A 78 -2.90 -3.21 7.81
N MET A 79 -2.09 -2.20 7.49
CA MET A 79 -2.49 -1.15 6.55
C MET A 79 -3.68 -0.35 7.06
N GLY A 80 -4.04 -0.52 8.34
CA GLY A 80 -5.22 0.18 8.85
C GLY A 80 -4.98 1.66 9.16
N THR A 81 -5.98 2.47 8.89
CA THR A 81 -5.94 3.86 9.30
C THR A 81 -6.37 3.94 10.77
N PRO A 82 -6.13 5.09 11.42
CA PRO A 82 -6.62 5.23 12.81
C PRO A 82 -8.11 5.05 12.95
N THR A 83 -8.91 5.56 11.99
CA THR A 83 -10.35 5.41 11.99
C THR A 83 -10.71 3.94 11.84
N ASP A 84 -10.01 3.24 10.92
CA ASP A 84 -10.26 1.77 10.76
C ASP A 84 -10.06 1.07 12.10
N CYS A 85 -8.93 1.39 12.78
CA CYS A 85 -8.58 0.76 14.06
C CYS A 85 -9.66 0.91 15.08
N VAL A 86 -10.15 2.15 15.25
CA VAL A 86 -11.17 2.37 16.28
C VAL A 86 -12.48 1.70 15.86
N TYR A 87 -12.84 1.86 14.58
CA TYR A 87 -14.11 1.31 14.10
C TYR A 87 -14.13 -0.19 14.29
N LEU A 88 -13.05 -0.85 13.90
CA LEU A 88 -12.99 -2.32 14.11
C LEU A 88 -12.89 -2.65 15.58
N GLY A 89 -12.09 -1.90 16.35
CA GLY A 89 -11.87 -2.25 17.81
C GLY A 89 -13.21 -2.15 18.55
N VAL A 90 -14.00 -1.13 18.27
CA VAL A 90 -15.31 -0.95 18.96
C VAL A 90 -16.32 -1.98 18.48
N ASN A 91 -16.39 -2.21 17.17
CA ASN A 91 -17.50 -2.92 16.56
C ASN A 91 -17.28 -4.39 16.27
N ALA A 92 -16.05 -4.88 16.39
CA ALA A 92 -15.77 -6.27 16.09
C ALA A 92 -14.77 -6.88 17.04
N LEU A 93 -13.65 -6.20 17.31
CA LEU A 93 -12.54 -6.88 17.93
C LEU A 93 -12.62 -7.01 19.46
N MET A 94 -13.07 -5.98 20.14
CA MET A 94 -12.99 -5.95 21.59
C MET A 94 -14.19 -6.59 22.26
N ARG A 95 -13.91 -7.47 23.25
CA ARG A 95 -14.92 -7.93 24.20
C ARG A 95 -14.28 -7.95 25.60
N PRO A 96 -14.84 -7.18 26.55
CA PRO A 96 -16.03 -6.37 26.34
C PRO A 96 -15.73 -5.12 25.51
N ARG A 97 -16.77 -4.50 25.01
CA ARG A 97 -16.62 -3.26 24.25
C ARG A 97 -16.01 -2.20 25.17
N PRO A 98 -15.30 -1.24 24.57
CA PRO A 98 -14.69 -0.20 25.40
C PRO A 98 -15.73 0.79 25.95
N ASP A 99 -15.40 1.38 27.11
CA ASP A 99 -16.14 2.49 27.66
C ASP A 99 -15.70 3.81 27.02
N ILE A 100 -14.48 3.81 26.49
CA ILE A 100 -13.87 5.07 26.03
C ILE A 100 -12.80 4.75 25.00
N VAL A 101 -12.55 5.69 24.09
CA VAL A 101 -11.34 5.64 23.22
C VAL A 101 -10.39 6.72 23.69
N VAL A 102 -9.14 6.34 23.84
CA VAL A 102 -8.08 7.31 24.04
C VAL A 102 -7.10 7.16 22.89
N SER A 103 -6.72 8.27 22.29
CA SER A 103 -5.83 8.21 21.12
C SER A 103 -4.62 9.04 21.42
N GLY A 104 -3.44 8.42 21.37
CA GLY A 104 -2.13 9.12 21.60
C GLY A 104 -1.18 8.24 22.37
N ILE A 105 -0.14 8.82 22.98
CA ILE A 105 0.19 10.26 22.90
C ILE A 105 0.86 10.52 21.55
N ASN A 106 0.40 11.50 20.79
CA ASN A 106 1.02 11.78 19.49
C ASN A 106 2.35 12.50 19.64
N ALA A 107 3.31 12.15 18.78
CA ALA A 107 4.62 12.85 18.70
C ALA A 107 4.41 14.10 17.89
N GLY A 108 4.07 15.17 18.59
CA GLY A 108 3.81 16.46 17.95
C GLY A 108 2.38 16.98 18.17
N PRO A 109 2.20 18.30 18.08
CA PRO A 109 0.92 18.94 18.36
C PRO A 109 -0.16 18.67 17.31
N ASN A 110 -1.41 18.77 17.72
CA ASN A 110 -2.55 18.78 16.82
C ASN A 110 -3.43 19.95 17.19
N LEU A 111 -3.11 21.11 16.61
CA LEU A 111 -3.67 22.39 17.05
C LEU A 111 -4.25 23.14 15.85
N GLY A 112 -5.22 23.98 16.14
CA GLY A 112 -5.78 24.88 15.13
C GLY A 112 -6.48 24.10 14.03
N ASP A 113 -6.31 24.53 12.79
CA ASP A 113 -6.94 23.83 11.72
C ASP A 113 -6.18 22.56 11.29
N ASP A 114 -5.09 22.22 11.98
CA ASP A 114 -4.39 20.94 11.72
C ASP A 114 -5.25 19.77 12.17
N VAL A 115 -6.23 20.04 13.02
CA VAL A 115 -7.04 18.99 13.64
CA VAL A 115 -7.00 18.95 13.63
C VAL A 115 -7.78 18.14 12.59
N ILE A 116 -8.30 18.77 11.53
CA ILE A 116 -9.01 17.98 10.51
CA ILE A 116 -8.99 18.01 10.46
C ILE A 116 -8.09 17.03 9.72
N TYR A 117 -6.79 17.28 9.70
CA TYR A 117 -5.79 16.40 9.05
C TYR A 117 -5.26 15.28 9.95
N SER A 118 -5.55 15.39 11.27
CA SER A 118 -4.91 14.55 12.26
C SER A 118 -5.53 13.17 12.38
N GLY A 119 -4.69 12.15 12.24
CA GLY A 119 -5.20 10.78 12.45
C GLY A 119 -5.37 10.54 13.95
N THR A 120 -4.61 11.22 14.78
CA THR A 120 -4.76 11.07 16.26
C THR A 120 -6.14 11.52 16.67
N VAL A 121 -6.53 12.68 16.15
CA VAL A 121 -7.88 13.24 16.41
C VAL A 121 -8.95 12.34 15.80
N ALA A 122 -8.72 11.82 14.58
CA ALA A 122 -9.72 10.97 13.93
C ALA A 122 -10.02 9.70 14.73
N ALA A 123 -9.00 9.13 15.35
CA ALA A 123 -9.24 7.89 16.17
C ALA A 123 -10.21 8.25 17.31
N ALA A 124 -9.94 9.39 17.95
CA ALA A 124 -10.84 9.84 19.04
C ALA A 124 -12.26 10.13 18.52
N MET A 125 -12.37 10.75 17.36
N MET A 125 -12.35 10.76 17.34
CA MET A 125 -13.70 11.07 16.82
CA MET A 125 -13.66 11.05 16.74
C MET A 125 -14.51 9.81 16.47
C MET A 125 -14.48 9.79 16.60
N ALA A 126 -13.82 8.70 16.19
CA ALA A 126 -14.47 7.42 15.95
C ALA A 126 -15.02 6.79 17.23
N GLY A 127 -14.60 7.33 18.37
CA GLY A 127 -15.15 6.89 19.68
C GLY A 127 -16.14 7.85 20.30
N ARG A 128 -16.65 8.81 19.54
CA ARG A 128 -17.45 9.87 20.11
C ARG A 128 -18.82 9.42 20.62
N HIS A 129 -19.21 8.20 20.29
CA HIS A 129 -20.55 7.72 20.64
C HIS A 129 -20.49 6.86 21.90
N LEU A 130 -19.32 6.72 22.55
CA LEU A 130 -19.20 5.77 23.72
C LEU A 130 -19.64 6.42 25.02
N GLY A 131 -19.59 5.64 26.10
CA GLY A 131 -20.08 6.12 27.40
C GLY A 131 -19.36 7.35 27.95
N PHE A 132 -18.08 7.48 27.64
CA PHE A 132 -17.30 8.63 28.08
C PHE A 132 -16.82 9.37 26.83
N PRO A 133 -16.53 10.68 26.96
CA PRO A 133 -15.99 11.39 25.81
C PRO A 133 -14.63 10.84 25.44
N ALA A 134 -14.38 10.77 24.14
CA ALA A 134 -13.09 10.30 23.68
C ALA A 134 -12.00 11.36 23.93
N LEU A 135 -10.78 10.89 24.13
CA LEU A 135 -9.65 11.81 24.28
C LEU A 135 -8.63 11.64 23.18
N ALA A 136 -8.24 12.74 22.55
CA ALA A 136 -7.08 12.76 21.64
C ALA A 136 -6.00 13.48 22.43
N VAL A 137 -4.81 12.89 22.53
CA VAL A 137 -3.73 13.47 23.36
C VAL A 137 -2.47 13.63 22.50
N SER A 138 -1.97 14.87 22.40
CA SER A 138 -0.79 15.14 21.57
C SER A 138 0.22 15.96 22.38
N LEU A 139 1.48 15.53 22.31
CA LEU A 139 2.59 16.25 22.96
C LEU A 139 3.22 17.27 22.01
N ASN A 140 3.47 18.47 22.50
CA ASN A 140 4.05 19.52 21.63
C ASN A 140 5.55 19.33 21.51
N GLY A 141 5.96 18.14 21.07
CA GLY A 141 7.39 17.77 21.08
C GLY A 141 7.56 16.27 21.24
N TYR A 142 8.74 15.85 21.72
CA TYR A 142 9.11 14.43 21.77
C TYR A 142 9.72 14.00 23.10
N GLN A 143 9.83 14.95 24.04
N GLN A 143 9.88 14.92 24.03
CA GLN A 143 10.65 14.82 25.26
CA GLN A 143 10.56 14.58 25.25
C GLN A 143 9.94 14.40 26.56
C GLN A 143 9.60 13.98 26.28
N HIS A 144 8.69 14.84 26.73
CA HIS A 144 7.95 14.60 27.96
C HIS A 144 6.68 13.82 27.76
N TYR A 145 6.82 12.63 27.18
CA TYR A 145 5.68 11.71 27.15
C TYR A 145 5.13 11.47 28.56
N ASP A 146 6.00 11.45 29.58
CA ASP A 146 5.54 11.27 30.94
CA ASP A 146 5.56 11.28 30.95
C ASP A 146 4.55 12.34 31.39
N THR A 147 4.80 13.60 31.04
CA THR A 147 3.87 14.67 31.33
C THR A 147 2.53 14.45 30.65
N ALA A 148 2.56 14.11 29.36
CA ALA A 148 1.28 13.91 28.66
C ALA A 148 0.50 12.70 29.25
N ALA A 149 1.23 11.70 29.68
CA ALA A 149 0.62 10.49 30.30
C ALA A 149 -0.04 10.91 31.60
N ALA A 150 0.66 11.74 32.38
CA ALA A 150 0.10 12.21 33.66
C ALA A 150 -1.18 13.05 33.48
N VAL A 151 -1.19 13.96 32.48
CA VAL A 151 -2.38 14.73 32.16
C VAL A 151 -3.54 13.84 31.75
N THR A 152 -3.24 12.82 30.96
CA THR A 152 -4.28 11.91 30.48
C THR A 152 -4.88 11.15 31.65
N CYS A 153 -4.02 10.65 32.53
CA CYS A 153 -4.47 9.88 33.70
C CYS A 153 -5.32 10.78 34.60
N ALA A 154 -4.95 12.06 34.73
CA ALA A 154 -5.76 13.00 35.52
C ALA A 154 -7.14 13.21 34.95
N LEU A 155 -7.23 13.39 33.61
CA LEU A 155 -8.51 13.52 32.98
C LEU A 155 -9.39 12.28 33.16
N LEU A 156 -8.77 11.09 33.03
CA LEU A 156 -9.51 9.82 33.17
C LEU A 156 -10.01 9.64 34.61
N ARG A 157 -9.18 9.99 35.58
CA ARG A 157 -9.60 9.96 37.00
C ARG A 157 -10.74 10.98 37.19
N GLY A 158 -10.64 12.13 36.52
CA GLY A 158 -11.77 13.09 36.58
C GLY A 158 -13.08 12.51 36.06
N LEU A 159 -13.03 11.77 34.96
CA LEU A 159 -14.22 11.16 34.40
C LEU A 159 -14.85 10.11 35.34
N SER A 160 -14.03 9.51 36.18
CA SER A 160 -14.52 8.55 37.18
C SER A 160 -15.25 9.24 38.32
N ARG A 161 -14.94 10.52 38.55
CA ARG A 161 -15.51 11.27 39.66
C ARG A 161 -16.89 11.81 39.26
N GLU A 162 -16.97 12.43 38.08
N GLU A 162 -16.97 12.39 38.06
CA GLU A 162 -18.22 13.02 37.58
CA GLU A 162 -18.21 12.96 37.55
C GLU A 162 -18.26 12.83 36.06
C GLU A 162 -18.26 12.83 36.04
N PRO A 163 -19.42 12.43 35.51
CA PRO A 163 -19.51 12.33 34.04
C PRO A 163 -19.44 13.72 33.39
N LEU A 164 -18.90 13.78 32.16
CA LEU A 164 -18.89 15.05 31.45
C LEU A 164 -20.19 15.15 30.61
N ARG A 165 -20.98 16.20 30.86
CA ARG A 165 -22.37 16.24 30.36
C ARG A 165 -22.51 16.66 28.88
N THR A 166 -21.61 17.51 28.40
CA THR A 166 -21.63 17.98 27.01
C THR A 166 -20.20 17.96 26.47
N GLY A 167 -20.08 17.60 25.19
CA GLY A 167 -18.77 17.45 24.58
C GLY A 167 -18.45 15.96 24.54
N ARG A 168 -18.29 15.42 23.32
CA ARG A 168 -18.10 13.98 23.09
C ARG A 168 -16.68 13.63 22.70
N ILE A 169 -15.89 14.65 22.33
CA ILE A 169 -14.48 14.51 21.94
CA ILE A 169 -14.46 14.43 22.13
C ILE A 169 -13.69 15.63 22.62
N LEU A 170 -12.62 15.31 23.34
CA LEU A 170 -11.71 16.33 23.89
C LEU A 170 -10.37 16.24 23.21
N ASN A 171 -9.96 17.34 22.55
CA ASN A 171 -8.65 17.37 21.91
C ASN A 171 -7.67 18.02 22.90
N VAL A 172 -6.72 17.24 23.40
CA VAL A 172 -5.80 17.65 24.45
C VAL A 172 -4.41 17.83 23.89
N ASN A 173 -3.86 19.04 24.06
CA ASN A 173 -2.48 19.28 23.67
C ASN A 173 -1.66 19.66 24.91
N VAL A 174 -0.55 18.97 25.09
CA VAL A 174 0.30 19.07 26.27
C VAL A 174 1.64 19.72 25.92
N PRO A 175 2.01 20.79 26.64
CA PRO A 175 3.32 21.39 26.38
C PRO A 175 4.43 20.40 26.66
N ASP A 176 5.54 20.53 25.94
CA ASP A 176 6.63 19.59 26.14
C ASP A 176 7.52 20.04 27.29
N LEU A 177 7.03 19.82 28.50
CA LEU A 177 7.65 20.34 29.72
C LEU A 177 7.58 19.31 30.83
N PRO A 178 8.51 19.34 31.80
CA PRO A 178 8.27 18.56 33.01
C PRO A 178 6.93 18.99 33.61
N LEU A 179 6.23 18.04 34.23
CA LEU A 179 4.89 18.32 34.77
C LEU A 179 4.89 19.51 35.74
N ALA A 180 5.94 19.61 36.54
CA ALA A 180 6.02 20.70 37.52
C ALA A 180 6.05 22.08 36.84
N GLN A 181 6.41 22.13 35.56
CA GLN A 181 6.41 23.39 34.82
C GLN A 181 5.13 23.70 34.05
N VAL A 182 4.22 22.72 33.92
CA VAL A 182 2.95 22.97 33.27
C VAL A 182 2.14 23.89 34.18
N LYS A 183 1.63 24.97 33.60
CA LYS A 183 0.98 26.00 34.43
C LYS A 183 -0.42 25.67 34.88
N GLY A 184 -1.08 24.76 34.18
CA GLY A 184 -2.48 24.50 34.43
C GLY A 184 -3.12 24.01 33.15
N ILE A 185 -4.44 24.19 33.10
CA ILE A 185 -5.25 23.75 32.00
CA ILE A 185 -5.26 23.76 31.97
C ILE A 185 -6.15 24.90 31.53
N ARG A 186 -6.34 25.00 30.23
CA ARG A 186 -7.31 25.95 29.68
C ARG A 186 -8.23 25.23 28.75
N VAL A 187 -9.52 25.58 28.80
CA VAL A 187 -10.48 25.14 27.81
C VAL A 187 -10.37 26.17 26.69
N THR A 188 -10.14 25.67 25.49
CA THR A 188 -9.78 26.56 24.38
C THR A 188 -10.65 26.30 23.17
N ARG A 189 -10.53 27.19 22.16
CA ARG A 189 -11.07 26.92 20.82
C ARG A 189 -9.90 26.72 19.84
N CYS A 190 -10.17 26.02 18.74
CA CYS A 190 -9.12 25.86 17.73
C CYS A 190 -8.72 27.23 17.11
N GLY A 191 -7.42 27.49 17.08
CA GLY A 191 -6.84 28.62 16.32
C GLY A 191 -6.80 28.24 14.85
N SER A 192 -6.00 28.97 14.08
CA SER A 192 -5.85 28.62 12.67
C SER A 192 -4.52 29.12 12.13
N ARG A 193 -4.13 28.52 11.00
CA ARG A 193 -2.87 28.83 10.34
C ARG A 193 -3.07 29.48 8.98
N HIS A 194 -2.01 30.12 8.49
CA HIS A 194 -1.90 30.44 7.06
C HIS A 194 -1.90 29.14 6.26
N PRO A 195 -2.35 29.16 4.99
CA PRO A 195 -2.18 27.96 4.12
C PRO A 195 -0.70 27.56 4.07
N ALA A 196 -0.43 26.26 4.18
CA ALA A 196 0.92 25.75 3.98
C ALA A 196 1.24 25.98 2.52
N ASP A 197 2.46 26.39 2.19
CA ASP A 197 2.73 26.70 0.79
C ASP A 197 3.97 26.02 0.20
N LYS A 198 4.75 25.34 1.03
CA LYS A 198 6.02 24.78 0.55
C LYS A 198 5.88 23.39 -0.03
N VAL A 199 6.55 23.20 -1.14
CA VAL A 199 6.70 21.89 -1.75
C VAL A 199 8.21 21.69 -1.83
N ILE A 200 8.71 20.51 -1.43
CA ILE A 200 10.14 20.26 -1.48
C ILE A 200 10.40 19.23 -2.57
N PRO A 201 10.95 19.66 -3.72
CA PRO A 201 11.28 18.72 -4.80
C PRO A 201 12.53 17.89 -4.46
N GLN A 202 12.56 16.63 -4.91
CA GLN A 202 13.75 15.80 -4.73
C GLN A 202 13.83 14.87 -5.91
N GLU A 203 14.93 14.94 -6.67
CA GLU A 203 15.05 14.13 -7.88
C GLU A 203 15.33 12.66 -7.54
N ASP A 204 14.65 11.75 -8.24
CA ASP A 204 14.94 10.33 -8.03
C ASP A 204 16.24 9.98 -8.80
N PRO A 205 16.78 8.76 -8.60
CA PRO A 205 18.07 8.44 -9.23
C PRO A 205 18.07 8.52 -10.74
N ARG A 206 16.90 8.47 -11.38
CA ARG A 206 16.78 8.60 -12.83
C ARG A 206 16.49 10.04 -13.27
N GLY A 207 16.58 11.00 -12.35
CA GLY A 207 16.36 12.41 -12.69
C GLY A 207 14.91 12.90 -12.68
N ASN A 208 13.95 12.08 -12.24
CA ASN A 208 12.56 12.52 -12.18
C ASN A 208 12.27 13.30 -10.91
N THR A 209 11.53 14.39 -11.02
CA THR A 209 11.26 15.21 -9.85
C THR A 209 10.08 14.65 -9.07
N LEU A 210 10.34 14.29 -7.83
CA LEU A 210 9.29 13.90 -6.89
C LEU A 210 9.08 15.04 -5.89
N TYR A 211 7.93 15.04 -5.23
CA TYR A 211 7.54 16.21 -4.43
C TYR A 211 7.15 15.81 -3.02
N TRP A 212 7.76 16.47 -2.04
CA TRP A 212 7.39 16.30 -0.64
C TRP A 212 6.48 17.41 -0.23
N ILE A 213 5.43 17.04 0.51
CA ILE A 213 4.53 18.02 1.13
CA ILE A 213 4.52 18.03 1.12
C ILE A 213 5.31 18.75 2.22
N GLY A 214 5.24 20.10 2.18
CA GLY A 214 5.95 20.92 3.19
C GLY A 214 5.26 21.01 4.56
N PRO A 215 5.85 21.80 5.45
CA PRO A 215 5.33 21.92 6.80
C PRO A 215 4.06 22.80 6.87
N PRO A 216 3.36 22.77 8.02
CA PRO A 216 2.22 23.66 8.21
C PRO A 216 2.56 25.15 8.00
N GLY A 217 1.55 25.93 7.63
CA GLY A 217 1.76 27.39 7.47
C GLY A 217 1.96 28.04 8.85
N ASP A 218 2.36 29.31 8.86
CA ASP A 218 2.51 30.05 10.12
C ASP A 218 1.19 30.21 10.83
N LYS A 219 1.21 30.40 12.16
CA LYS A 219 -0.01 30.75 12.88
C LYS A 219 -0.66 32.02 12.35
N TYR A 220 -1.98 31.99 12.28
CA TYR A 220 -2.74 33.18 11.87
C TYR A 220 -3.61 33.68 12.99
N ASP A 221 -4.50 32.82 13.46
CA ASP A 221 -5.33 33.11 14.65
C ASP A 221 -4.80 32.32 15.82
N ALA A 222 -4.03 32.98 16.69
CA ALA A 222 -3.40 32.36 17.86
C ALA A 222 -3.64 33.25 19.11
N GLY A 223 -4.84 33.83 19.14
CA GLY A 223 -5.34 34.74 20.21
C GLY A 223 -5.50 34.04 21.55
N PRO A 224 -5.81 34.80 22.61
CA PRO A 224 -5.73 34.30 24.00
C PRO A 224 -6.68 33.13 24.33
N ASP A 225 -7.74 33.02 23.55
CA ASP A 225 -8.71 31.94 23.76
CA ASP A 225 -8.83 32.06 23.47
C ASP A 225 -8.35 30.68 22.94
N THR A 226 -7.23 30.70 22.24
CA THR A 226 -6.94 29.57 21.32
C THR A 226 -6.10 28.48 21.95
N ASP A 227 -6.19 27.27 21.37
CA ASP A 227 -5.27 26.21 21.70
C ASP A 227 -3.79 26.52 21.53
N PHE A 228 -3.42 27.23 20.44
CA PHE A 228 -2.07 27.66 20.25
C PHE A 228 -1.54 28.47 21.44
N ALA A 229 -2.32 29.46 21.86
CA ALA A 229 -1.96 30.39 22.92
C ALA A 229 -1.73 29.66 24.23
N ALA A 230 -2.65 28.76 24.57
CA ALA A 230 -2.51 27.94 25.78
C ALA A 230 -1.19 27.18 25.78
N VAL A 231 -0.93 26.40 24.72
CA VAL A 231 0.28 25.61 24.67
C VAL A 231 1.54 26.51 24.75
N ASP A 232 1.50 27.62 24.03
CA ASP A 232 2.66 28.47 23.91
C ASP A 232 3.01 29.12 25.25
N GLU A 233 1.98 29.31 26.07
CA GLU A 233 2.10 29.90 27.41
C GLU A 233 2.33 28.85 28.51
N GLY A 234 2.46 27.59 28.10
CA GLY A 234 2.76 26.52 29.05
C GLY A 234 1.57 25.86 29.73
N TYR A 235 0.38 25.98 29.14
CA TYR A 235 -0.82 25.33 29.65
C TYR A 235 -1.16 24.12 28.80
N VAL A 236 -1.77 23.12 29.44
CA VAL A 236 -2.53 22.13 28.68
C VAL A 236 -3.75 22.79 28.04
N SER A 237 -3.94 22.53 26.76
CA SER A 237 -5.10 22.95 26.05
C SER A 237 -6.09 21.79 25.93
N VAL A 238 -7.34 22.06 26.32
CA VAL A 238 -8.47 21.13 26.05
C VAL A 238 -9.54 21.81 25.21
N THR A 239 -9.72 21.30 24.00
CA THR A 239 -10.73 21.81 23.08
C THR A 239 -11.80 20.72 22.86
N PRO A 240 -13.06 21.01 23.20
CA PRO A 240 -14.11 20.06 22.83
C PRO A 240 -14.35 20.12 21.32
N LEU A 241 -14.37 18.97 20.64
CA LEU A 241 -14.61 18.92 19.18
C LEU A 241 -15.92 18.29 18.83
N HIS A 242 -16.38 18.57 17.60
CA HIS A 242 -17.51 17.83 17.02
C HIS A 242 -17.24 17.54 15.56
N VAL A 243 -18.10 16.75 14.93
CA VAL A 243 -17.86 16.35 13.56
C VAL A 243 -18.71 17.11 12.54
N ASP A 244 -19.58 17.98 13.00
CA ASP A 244 -20.45 18.77 12.08
C ASP A 244 -19.60 19.85 11.39
N LEU A 245 -19.38 19.69 10.10
CA LEU A 245 -18.57 20.66 9.33
C LEU A 245 -19.35 21.88 8.86
N THR A 246 -20.63 21.94 9.19
CA THR A 246 -21.47 23.04 8.66
C THR A 246 -21.00 24.38 9.22
N ALA A 247 -20.81 25.36 8.32
CA ALA A 247 -20.52 26.72 8.74
C ALA A 247 -21.86 27.45 8.95
N HIS A 248 -22.49 27.20 10.11
CA HIS A 248 -23.83 27.74 10.40
C HIS A 248 -23.99 29.22 10.21
N SER A 249 -22.96 29.97 10.54
CA SER A 249 -23.06 31.44 10.46
CA SER A 249 -23.00 31.43 10.45
C SER A 249 -23.06 31.97 9.02
N ALA A 250 -22.72 31.11 8.04
CA ALA A 250 -22.69 31.54 6.64
C ALA A 250 -24.02 31.33 5.95
N HIS A 251 -24.97 30.69 6.64
CA HIS A 251 -26.22 30.29 6.00
C HIS A 251 -26.93 31.40 5.25
N ASP A 252 -27.22 32.50 5.94
CA ASP A 252 -27.97 33.57 5.32
C ASP A 252 -27.22 34.27 4.23
N VAL A 253 -25.91 34.46 4.42
CA VAL A 253 -25.07 35.05 3.37
C VAL A 253 -25.13 34.20 2.09
N VAL A 254 -25.03 32.87 2.24
CA VAL A 254 -25.07 32.01 1.06
C VAL A 254 -26.43 32.08 0.38
N SER A 255 -27.50 32.03 1.18
CA SER A 255 -28.86 32.12 0.64
C SER A 255 -29.09 33.43 -0.15
N ASP A 256 -28.71 34.55 0.48
CA ASP A 256 -28.82 35.86 -0.17
C ASP A 256 -27.96 35.99 -1.39
N TRP A 257 -26.76 35.40 -1.33
CA TRP A 257 -25.90 35.39 -2.50
C TRP A 257 -26.53 34.67 -3.67
N LEU A 258 -27.03 33.45 -3.46
CA LEU A 258 -27.68 32.68 -4.52
C LEU A 258 -28.82 33.49 -5.15
N ASP A 259 -29.61 34.15 -4.33
CA ASP A 259 -30.73 34.97 -4.84
C ASP A 259 -30.23 36.13 -5.69
N SER A 260 -29.14 36.75 -5.24
N SER A 260 -29.17 36.78 -5.22
CA SER A 260 -28.53 37.92 -5.89
CA SER A 260 -28.59 37.92 -5.93
C SER A 260 -27.86 37.63 -7.23
C SER A 260 -28.04 37.56 -7.30
N VAL A 261 -27.45 36.36 -7.43
CA VAL A 261 -26.82 35.96 -8.67
C VAL A 261 -27.71 35.07 -9.54
N GLY A 262 -28.92 34.84 -9.07
CA GLY A 262 -29.97 34.15 -9.83
C GLY A 262 -29.65 32.70 -10.12
N VAL A 263 -28.98 32.06 -9.17
CA VAL A 263 -28.70 30.62 -9.32
C VAL A 263 -29.66 29.93 -8.35
N GLY A 264 -30.47 29.02 -8.86
CA GLY A 264 -31.56 28.42 -8.09
C GLY A 264 -32.90 29.10 -8.26
N THR A 265 -32.88 30.28 -8.89
CA THR A 265 -34.09 31.12 -9.02
C THR A 265 -34.12 31.71 -10.43
N GLN A 266 -35.32 31.87 -11.00
CA GLN A 266 -35.41 32.32 -12.40
C GLN A 266 -35.25 33.82 -12.54
N TRP A 267 -35.51 34.55 -11.47
CA TRP A 267 -35.58 36.01 -11.52
C TRP A 267 -34.69 36.66 -10.52
N HIS B 9 -12.27 35.91 -24.55
CA HIS B 9 -13.73 35.88 -24.84
C HIS B 9 -14.43 37.02 -24.14
N HIS B 10 -15.50 36.69 -23.42
CA HIS B 10 -16.42 37.67 -22.82
C HIS B 10 -15.90 38.66 -21.77
N GLY B 11 -15.36 38.17 -20.65
CA GLY B 11 -14.98 39.07 -19.55
C GLY B 11 -13.53 39.55 -19.67
N MET B 12 -13.15 40.45 -18.77
CA MET B 12 -11.78 40.95 -18.67
C MET B 12 -10.77 39.82 -18.31
N ALA B 13 -11.24 38.72 -17.74
CA ALA B 13 -10.29 37.71 -17.22
C ALA B 13 -10.86 36.32 -17.36
N SER B 14 -9.97 35.36 -17.63
CA SER B 14 -10.37 33.94 -17.65
C SER B 14 -10.46 33.44 -16.22
N MET B 15 -11.38 32.51 -15.97
CA MET B 15 -11.40 31.82 -14.69
C MET B 15 -10.45 30.63 -14.83
N ARG B 16 -9.56 30.47 -13.85
CA ARG B 16 -8.59 29.40 -13.88
C ARG B 16 -8.86 28.41 -12.74
N ILE B 17 -9.29 27.21 -13.14
CA ILE B 17 -9.86 26.24 -12.18
C ILE B 17 -8.88 25.11 -12.01
N LEU B 18 -8.61 24.74 -10.78
CA LEU B 18 -7.94 23.49 -10.47
C LEU B 18 -9.05 22.48 -10.20
N LEU B 19 -9.12 21.42 -11.04
CA LEU B 19 -10.19 20.45 -10.91
C LEU B 19 -9.61 19.14 -10.40
N SER B 20 -10.23 18.62 -9.33
CA SER B 20 -9.77 17.37 -8.74
C SER B 20 -10.98 16.53 -8.40
N ASN B 21 -10.71 15.36 -7.80
CA ASN B 21 -11.79 14.48 -7.34
C ASN B 21 -11.18 13.43 -6.44
N ASP B 22 -11.94 12.40 -6.08
CA ASP B 22 -11.23 11.26 -5.50
C ASP B 22 -11.63 9.92 -6.12
N ASP B 23 -12.45 9.95 -7.17
CA ASP B 23 -12.73 8.73 -7.97
C ASP B 23 -11.60 8.33 -8.87
N GLY B 24 -10.65 9.23 -9.10
CA GLY B 24 -9.55 8.95 -9.99
C GLY B 24 -9.61 9.83 -11.21
N VAL B 25 -8.45 10.08 -11.78
CA VAL B 25 -8.32 10.95 -12.94
C VAL B 25 -9.20 10.57 -14.17
N HIS B 26 -9.51 9.27 -14.35
CA HIS B 26 -10.26 8.82 -15.54
C HIS B 26 -11.72 8.65 -15.25
N ALA B 27 -12.17 8.98 -14.04
CA ALA B 27 -13.56 8.72 -13.69
C ALA B 27 -14.55 9.53 -14.52
N PRO B 28 -15.76 8.99 -14.77
CA PRO B 28 -16.66 9.75 -15.62
C PRO B 28 -17.09 11.10 -15.00
N GLY B 29 -17.18 11.16 -13.68
CA GLY B 29 -17.60 12.40 -13.00
C GLY B 29 -16.65 13.56 -13.29
N ILE B 30 -15.36 13.32 -13.15
CA ILE B 30 -14.37 14.41 -13.35
C ILE B 30 -14.21 14.74 -14.83
N GLN B 31 -14.32 13.71 -15.69
CA GLN B 31 -14.12 13.97 -17.11
C GLN B 31 -15.34 14.71 -17.71
N THR B 32 -16.53 14.36 -17.24
CA THR B 32 -17.76 15.03 -17.64
C THR B 32 -17.70 16.52 -17.24
N LEU B 33 -17.31 16.73 -16.00
CA LEU B 33 -17.18 18.09 -15.48
C LEU B 33 -16.10 18.87 -16.22
N ALA B 34 -14.95 18.26 -16.47
CA ALA B 34 -13.84 18.95 -17.16
C ALA B 34 -14.28 19.46 -18.54
N LYS B 35 -14.95 18.60 -19.30
CA LYS B 35 -15.45 18.99 -20.62
C LYS B 35 -16.41 20.22 -20.52
N ALA B 36 -17.33 20.21 -19.56
CA ALA B 36 -18.29 21.31 -19.38
C ALA B 36 -17.59 22.60 -19.00
N LEU B 37 -16.64 22.51 -18.07
CA LEU B 37 -15.94 23.69 -17.58
C LEU B 37 -15.06 24.30 -18.65
N ARG B 38 -14.44 23.47 -19.49
CA ARG B 38 -13.54 23.99 -20.52
C ARG B 38 -14.26 24.81 -21.59
N GLU B 39 -15.57 24.71 -21.63
CA GLU B 39 -16.36 25.60 -22.54
C GLU B 39 -16.16 27.08 -22.27
N PHE B 40 -15.87 27.43 -21.02
CA PHE B 40 -15.75 28.85 -20.63
C PHE B 40 -14.52 29.15 -19.74
N ALA B 41 -13.88 28.12 -19.16
CA ALA B 41 -12.82 28.36 -18.17
C ALA B 41 -11.56 27.66 -18.60
N ASP B 42 -10.43 28.06 -18.03
CA ASP B 42 -9.19 27.32 -18.17
C ASP B 42 -9.18 26.30 -17.07
N VAL B 43 -9.02 25.03 -17.40
CA VAL B 43 -9.08 23.94 -16.40
C VAL B 43 -7.78 23.17 -16.36
N GLN B 44 -7.23 23.01 -15.16
CA GLN B 44 -6.14 22.09 -14.96
C GLN B 44 -6.62 20.96 -14.04
N VAL B 45 -6.57 19.72 -14.54
CA VAL B 45 -6.88 18.56 -13.68
C VAL B 45 -5.64 18.12 -12.95
N VAL B 46 -5.76 17.97 -11.63
CA VAL B 46 -4.74 17.30 -10.86
C VAL B 46 -5.56 16.36 -9.94
N ALA B 47 -5.43 15.05 -10.14
CA ALA B 47 -6.34 14.11 -9.46
C ALA B 47 -5.62 12.79 -9.12
N PRO B 48 -6.18 12.01 -8.18
CA PRO B 48 -5.52 10.75 -7.87
C PRO B 48 -5.45 9.85 -9.09
N ASP B 49 -4.42 9.01 -9.12
CA ASP B 49 -4.34 8.07 -10.21
C ASP B 49 -5.39 6.94 -10.14
N ARG B 50 -6.08 6.78 -9.02
CA ARG B 50 -6.99 5.65 -8.81
C ARG B 50 -8.14 6.07 -7.90
N ASN B 51 -9.17 5.22 -7.76
CA ASN B 51 -10.24 5.51 -6.81
C ASN B 51 -9.74 5.57 -5.39
N ARG B 52 -9.93 6.73 -4.74
CA ARG B 52 -9.50 6.96 -3.36
C ARG B 52 -10.68 7.36 -2.50
N SER B 53 -11.89 6.90 -2.87
CA SER B 53 -13.06 7.21 -2.03
C SER B 53 -12.79 6.83 -0.56
N GLY B 54 -13.19 7.71 0.36
CA GLY B 54 -12.94 7.52 1.79
C GLY B 54 -11.59 8.04 2.25
N ALA B 55 -10.88 8.76 1.37
CA ALA B 55 -9.55 9.28 1.71
C ALA B 55 -9.60 10.43 2.70
N SER B 56 -10.78 11.04 2.87
CA SER B 56 -10.92 12.12 3.84
C SER B 56 -9.83 13.17 3.57
N ASN B 57 -9.35 13.87 4.60
CA ASN B 57 -8.32 14.93 4.41
C ASN B 57 -6.93 14.38 4.56
N SER B 58 -6.74 13.10 4.24
CA SER B 58 -5.42 12.49 4.43
C SER B 58 -4.39 13.10 3.48
N LEU B 59 -3.15 13.10 3.96
N LEU B 59 -3.18 13.24 3.96
CA LEU B 59 -2.00 13.82 3.40
CA LEU B 59 -2.11 13.64 3.08
C LEU B 59 -0.83 12.84 3.39
C LEU B 59 -0.97 12.68 3.25
N THR B 60 -0.12 12.74 2.26
CA THR B 60 1.06 11.87 2.20
C THR B 60 2.27 12.61 2.75
N LEU B 61 2.68 12.22 3.95
CA LEU B 61 3.80 12.89 4.59
C LEU B 61 5.06 12.03 4.61
N GLU B 62 4.86 10.70 4.60
CA GLU B 62 5.91 9.67 4.76
C GLU B 62 6.76 9.46 3.50
N SER B 63 6.26 9.90 2.36
CA SER B 63 6.94 9.64 1.09
CA SER B 63 6.97 9.66 1.11
C SER B 63 6.80 10.86 0.21
N SER B 64 7.67 10.95 -0.78
CA SER B 64 7.47 11.94 -1.81
C SER B 64 6.49 11.42 -2.86
N LEU B 65 5.94 12.34 -3.65
CA LEU B 65 4.89 11.98 -4.61
C LEU B 65 5.34 12.13 -6.05
N ARG B 66 4.97 11.13 -6.85
CA ARG B 66 5.30 11.08 -8.27
C ARG B 66 4.07 11.48 -9.08
N THR B 67 4.29 12.29 -10.12
CA THR B 67 3.18 12.66 -10.99
C THR B 67 3.29 12.09 -12.39
N PHE B 68 2.16 11.97 -13.06
CA PHE B 68 2.14 11.58 -14.48
C PHE B 68 1.32 12.60 -15.22
N THR B 69 1.79 13.04 -16.38
CA THR B 69 1.01 13.99 -17.18
C THR B 69 0.55 13.30 -18.45
N PHE B 70 -0.76 13.34 -18.70
CA PHE B 70 -1.38 12.75 -19.88
C PHE B 70 -1.26 13.69 -21.06
N ASP B 71 -1.54 13.16 -22.27
CA ASP B 71 -1.45 13.95 -23.50
C ASP B 71 -2.35 15.18 -23.49
N ASN B 72 -3.54 15.07 -22.90
CA ASN B 72 -4.40 16.25 -22.79
C ASN B 72 -3.96 17.26 -21.70
N GLY B 73 -2.89 16.96 -20.96
CA GLY B 73 -2.37 17.86 -19.92
C GLY B 73 -2.85 17.51 -18.50
N ASP B 74 -3.84 16.64 -18.38
CA ASP B 74 -4.26 16.17 -17.04
C ASP B 74 -3.07 15.61 -16.29
N ILE B 75 -3.02 15.85 -14.97
CA ILE B 75 -1.97 15.32 -14.13
C ILE B 75 -2.62 14.34 -13.15
N ALA B 76 -2.04 13.14 -13.09
CA ALA B 76 -2.38 12.16 -12.04
C ALA B 76 -1.28 12.11 -11.03
N VAL B 77 -1.63 12.06 -9.74
CA VAL B 77 -0.64 11.88 -8.72
C VAL B 77 -0.66 10.43 -8.29
N GLN B 78 0.47 9.73 -8.46
CA GLN B 78 0.55 8.28 -8.15
C GLN B 78 0.42 8.07 -6.67
N MET B 79 -0.59 7.28 -6.30
CA MET B 79 -0.98 7.09 -4.90
C MET B 79 -1.30 8.39 -4.18
N GLY B 80 -1.54 9.46 -4.96
CA GLY B 80 -1.85 10.72 -4.27
C GLY B 80 -3.27 10.72 -3.73
N THR B 81 -3.45 11.33 -2.55
CA THR B 81 -4.80 11.58 -2.05
C THR B 81 -5.37 12.84 -2.69
N PRO B 82 -6.67 13.07 -2.55
CA PRO B 82 -7.21 14.31 -3.11
C PRO B 82 -6.59 15.55 -2.49
N THR B 83 -6.33 15.54 -1.20
CA THR B 83 -5.65 16.69 -0.58
C THR B 83 -4.23 16.85 -1.14
N ASP B 84 -3.52 15.73 -1.33
CA ASP B 84 -2.19 15.80 -1.97
C ASP B 84 -2.27 16.52 -3.33
N CYS B 85 -3.29 16.19 -4.12
CA CYS B 85 -3.39 16.67 -5.50
C CYS B 85 -3.60 18.19 -5.47
N VAL B 86 -4.47 18.62 -4.57
CA VAL B 86 -4.74 20.05 -4.48
C VAL B 86 -3.54 20.82 -3.92
N TYR B 87 -2.87 20.26 -2.92
CA TYR B 87 -1.67 20.84 -2.37
C TYR B 87 -0.60 21.03 -3.48
N LEU B 88 -0.40 20.00 -4.29
CA LEU B 88 0.65 20.09 -5.30
C LEU B 88 0.18 21.04 -6.40
N GLY B 89 -1.10 20.98 -6.72
CA GLY B 89 -1.65 21.87 -7.76
C GLY B 89 -1.49 23.34 -7.39
N VAL B 90 -1.84 23.69 -6.16
CA VAL B 90 -1.86 25.10 -5.76
C VAL B 90 -0.44 25.58 -5.56
N ASN B 91 0.41 24.74 -5.02
CA ASN B 91 1.69 25.20 -4.55
C ASN B 91 2.87 24.94 -5.47
N ALA B 92 2.66 24.14 -6.53
CA ALA B 92 3.81 23.74 -7.38
C ALA B 92 3.41 23.64 -8.83
N LEU B 93 2.33 22.93 -9.12
CA LEU B 93 2.08 22.49 -10.50
C LEU B 93 1.33 23.50 -11.36
N MET B 94 0.64 24.44 -10.74
CA MET B 94 -0.02 25.52 -11.53
C MET B 94 0.62 26.84 -11.20
N ARG B 95 1.02 27.58 -12.23
CA ARG B 95 1.59 28.90 -12.02
C ARG B 95 0.93 29.80 -13.05
N PRO B 96 0.30 30.91 -12.59
CA PRO B 96 0.12 31.27 -11.19
C PRO B 96 -0.88 30.33 -10.50
N ARG B 97 -1.11 30.53 -9.21
CA ARG B 97 -2.05 29.68 -8.46
C ARG B 97 -3.49 29.78 -9.09
N PRO B 98 -4.30 28.73 -8.98
CA PRO B 98 -5.66 28.78 -9.48
C PRO B 98 -6.56 29.79 -8.77
N ASP B 99 -7.67 30.14 -9.42
CA ASP B 99 -8.65 31.01 -8.82
C ASP B 99 -9.48 30.27 -7.80
N ILE B 100 -9.60 28.96 -8.02
CA ILE B 100 -10.65 28.21 -7.33
C ILE B 100 -10.34 26.73 -7.48
N VAL B 101 -10.72 25.93 -6.48
CA VAL B 101 -10.71 24.46 -6.61
C VAL B 101 -12.14 23.98 -6.79
N VAL B 102 -12.35 23.09 -7.76
CA VAL B 102 -13.63 22.41 -7.91
C VAL B 102 -13.28 20.93 -7.80
N SER B 103 -14.05 20.23 -6.98
CA SER B 103 -13.78 18.81 -6.72
C SER B 103 -15.03 18.03 -7.04
N GLY B 104 -14.86 17.05 -7.91
CA GLY B 104 -16.01 16.20 -8.31
C GLY B 104 -15.97 15.96 -9.83
N ILE B 105 -17.08 15.53 -10.42
CA ILE B 105 -18.34 15.22 -9.74
C ILE B 105 -18.19 13.83 -9.12
N ASN B 106 -18.41 13.72 -7.81
CA ASN B 106 -18.28 12.38 -7.16
C ASN B 106 -19.40 11.44 -7.57
N ALA B 107 -19.03 10.16 -7.73
CA ALA B 107 -20.01 9.10 -7.95
C ALA B 107 -20.59 8.71 -6.60
N GLY B 108 -21.68 9.37 -6.24
CA GLY B 108 -22.34 9.14 -4.96
C GLY B 108 -22.34 10.33 -4.01
N PRO B 109 -23.29 10.38 -3.08
CA PRO B 109 -23.48 11.53 -2.21
C PRO B 109 -22.41 11.70 -1.14
N ASN B 110 -22.26 12.93 -0.67
CA ASN B 110 -21.46 13.23 0.47
C ASN B 110 -22.26 14.12 1.39
N LEU B 111 -23.03 13.48 2.26
CA LEU B 111 -24.05 14.12 3.06
C LEU B 111 -23.89 13.81 4.55
N GLY B 112 -24.47 14.68 5.37
CA GLY B 112 -24.54 14.51 6.81
C GLY B 112 -23.20 14.47 7.50
N ASP B 113 -23.07 13.58 8.48
CA ASP B 113 -21.81 13.47 9.20
C ASP B 113 -20.77 12.64 8.43
N ASP B 114 -21.17 12.08 7.29
CA ASP B 114 -20.26 11.33 6.41
C ASP B 114 -19.25 12.29 5.75
N VAL B 115 -19.53 13.60 5.75
CA VAL B 115 -18.67 14.54 5.00
CA VAL B 115 -18.68 14.59 5.03
C VAL B 115 -17.22 14.55 5.50
N ILE B 116 -17.02 14.28 6.79
CA ILE B 116 -15.67 14.30 7.35
C ILE B 116 -14.80 13.20 6.71
N TYR B 117 -15.41 12.13 6.19
CA TYR B 117 -14.65 11.06 5.54
C TYR B 117 -14.42 11.28 4.05
N SER B 118 -15.02 12.35 3.48
CA SER B 118 -15.09 12.47 2.03
C SER B 118 -13.80 13.06 1.45
N GLY B 119 -13.18 12.37 0.50
CA GLY B 119 -11.99 12.93 -0.18
C GLY B 119 -12.44 13.99 -1.19
N THR B 120 -13.67 13.87 -1.71
CA THR B 120 -14.22 14.93 -2.63
C THR B 120 -14.29 16.23 -1.83
N VAL B 121 -14.89 16.18 -0.65
CA VAL B 121 -14.94 17.36 0.22
C VAL B 121 -13.54 17.86 0.59
N ALA B 122 -12.60 16.94 0.90
CA ALA B 122 -11.26 17.31 1.32
C ALA B 122 -10.54 18.14 0.25
N ALA B 123 -10.68 17.75 -1.01
CA ALA B 123 -9.98 18.52 -2.08
C ALA B 123 -10.51 19.95 -2.11
N ALA B 124 -11.82 20.11 -1.98
CA ALA B 124 -12.40 21.48 -1.90
C ALA B 124 -11.87 22.18 -0.67
N MET B 125 -11.83 21.50 0.48
CA MET B 125 -11.31 22.17 1.69
C MET B 125 -9.89 22.62 1.50
N ALA B 126 -9.11 21.89 0.70
CA ALA B 126 -7.70 22.24 0.49
C ALA B 126 -7.57 23.51 -0.35
N GLY B 127 -8.66 23.91 -0.94
CA GLY B 127 -8.68 25.14 -1.77
C GLY B 127 -9.33 26.32 -1.07
N ARG B 128 -9.52 26.23 0.25
CA ARG B 128 -10.34 27.21 0.97
C ARG B 128 -9.74 28.62 1.04
N HIS B 129 -8.45 28.73 0.71
CA HIS B 129 -7.74 30.02 0.82
C HIS B 129 -7.48 30.66 -0.50
N LEU B 130 -8.19 30.22 -1.52
CA LEU B 130 -8.04 30.86 -2.83
C LEU B 130 -9.00 32.01 -3.02
N GLY B 131 -9.03 32.56 -4.23
CA GLY B 131 -9.85 33.75 -4.47
C GLY B 131 -11.36 33.60 -4.51
N PHE B 132 -11.82 32.35 -4.62
CA PHE B 132 -13.21 32.01 -4.67
C PHE B 132 -13.42 30.85 -3.71
N PRO B 133 -14.58 30.76 -3.12
CA PRO B 133 -14.84 29.57 -2.29
C PRO B 133 -14.80 28.35 -3.16
N ALA B 134 -14.27 27.26 -2.58
CA ALA B 134 -14.15 26.00 -3.31
C ALA B 134 -15.48 25.28 -3.39
N LEU B 135 -15.62 24.48 -4.44
CA LEU B 135 -16.84 23.70 -4.64
C LEU B 135 -16.52 22.22 -4.56
N ALA B 136 -17.28 21.51 -3.72
CA ALA B 136 -17.28 20.03 -3.76
C ALA B 136 -18.60 19.63 -4.37
N VAL B 137 -18.57 18.76 -5.38
CA VAL B 137 -19.80 18.42 -6.07
C VAL B 137 -19.95 16.89 -6.14
N SER B 138 -21.09 16.43 -5.60
CA SER B 138 -21.36 14.98 -5.53
C SER B 138 -22.73 14.70 -6.11
N LEU B 139 -22.78 13.69 -6.95
CA LEU B 139 -24.04 13.21 -7.55
C LEU B 139 -24.60 12.11 -6.69
N ASN B 140 -25.89 12.18 -6.41
CA ASN B 140 -26.56 11.18 -5.57
C ASN B 140 -26.93 9.92 -6.38
N GLY B 141 -25.93 9.38 -7.07
CA GLY B 141 -26.09 8.24 -7.97
C GLY B 141 -25.04 8.30 -9.05
N TYR B 142 -25.33 7.68 -10.19
CA TYR B 142 -24.31 7.48 -11.19
C TYR B 142 -24.79 7.82 -12.59
N GLN B 143 -26.04 8.27 -12.72
CA GLN B 143 -26.59 8.51 -14.06
C GLN B 143 -26.37 9.92 -14.58
N HIS B 144 -26.89 10.90 -13.86
CA HIS B 144 -26.95 12.23 -14.42
C HIS B 144 -25.78 13.12 -14.11
N TYR B 145 -24.60 12.70 -14.55
CA TYR B 145 -23.40 13.57 -14.46
C TYR B 145 -23.66 14.90 -15.16
N ASP B 146 -24.45 14.85 -16.24
CA ASP B 146 -24.76 16.06 -16.98
CA ASP B 146 -24.79 16.07 -16.97
C ASP B 146 -25.48 17.09 -16.10
N THR B 147 -26.41 16.62 -15.28
CA THR B 147 -27.18 17.47 -14.37
C THR B 147 -26.23 18.15 -13.38
N ALA B 148 -25.32 17.36 -12.80
CA ALA B 148 -24.39 17.93 -11.83
C ALA B 148 -23.42 18.92 -12.49
N ALA B 149 -22.98 18.64 -13.73
CA ALA B 149 -22.13 19.59 -14.47
C ALA B 149 -22.87 20.92 -14.69
N ALA B 150 -24.15 20.86 -15.04
CA ALA B 150 -24.92 22.09 -15.33
C ALA B 150 -25.07 22.89 -14.06
N VAL B 151 -25.33 22.22 -12.94
CA VAL B 151 -25.44 22.90 -11.64
C VAL B 151 -24.11 23.57 -11.27
N THR B 152 -23.00 22.86 -11.48
CA THR B 152 -21.69 23.41 -11.14
C THR B 152 -21.38 24.64 -12.00
N CYS B 153 -21.65 24.52 -13.28
CA CYS B 153 -21.41 25.66 -14.18
C CYS B 153 -22.21 26.88 -13.72
N ALA B 154 -23.47 26.68 -13.33
CA ALA B 154 -24.31 27.76 -12.84
C ALA B 154 -23.74 28.40 -11.58
N LEU B 155 -23.23 27.58 -10.66
CA LEU B 155 -22.61 28.15 -9.47
C LEU B 155 -21.39 28.97 -9.81
N LEU B 156 -20.60 28.47 -10.75
CA LEU B 156 -19.36 29.15 -11.13
C LEU B 156 -19.68 30.51 -11.80
N ARG B 157 -20.72 30.53 -12.64
CA ARG B 157 -21.20 31.81 -13.24
C ARG B 157 -21.66 32.72 -12.11
N GLY B 158 -22.38 32.16 -11.15
CA GLY B 158 -22.85 32.88 -9.98
C GLY B 158 -21.68 33.53 -9.24
N LEU B 159 -20.59 32.78 -9.04
CA LEU B 159 -19.45 33.31 -8.27
C LEU B 159 -18.74 34.44 -8.96
N SER B 160 -18.77 34.44 -10.28
CA SER B 160 -18.24 35.58 -11.03
C SER B 160 -19.24 36.75 -11.20
N ARG B 161 -20.54 36.55 -10.92
CA ARG B 161 -21.49 37.66 -10.94
C ARG B 161 -21.39 38.56 -9.71
N GLU B 162 -21.37 37.95 -8.51
CA GLU B 162 -21.22 38.70 -7.26
C GLU B 162 -20.33 37.85 -6.36
N PRO B 163 -19.47 38.48 -5.54
CA PRO B 163 -18.64 37.67 -4.68
C PRO B 163 -19.45 37.06 -3.56
N LEU B 164 -19.09 35.84 -3.16
CA LEU B 164 -19.70 35.27 -1.98
C LEU B 164 -18.84 35.70 -0.79
N ARG B 165 -19.45 36.45 0.13
CA ARG B 165 -18.73 37.17 1.18
C ARG B 165 -18.31 36.30 2.37
N THR B 166 -19.05 35.22 2.61
CA THR B 166 -18.80 34.40 3.80
C THR B 166 -18.95 32.95 3.40
N GLY B 167 -18.03 32.09 3.87
CA GLY B 167 -18.07 30.67 3.52
C GLY B 167 -16.99 30.39 2.49
N ARG B 168 -16.04 29.53 2.87
CA ARG B 168 -14.91 29.25 1.99
C ARG B 168 -15.03 27.96 1.20
N ILE B 169 -16.01 27.13 1.55
CA ILE B 169 -16.23 25.82 0.90
C ILE B 169 -17.75 25.68 0.80
N LEU B 170 -18.20 25.29 -0.39
CA LEU B 170 -19.63 24.91 -0.59
C LEU B 170 -19.71 23.44 -0.90
N ASN B 171 -20.46 22.67 -0.11
CA ASN B 171 -20.64 21.25 -0.36
C ASN B 171 -21.94 21.09 -1.11
N VAL B 172 -21.84 20.65 -2.35
CA VAL B 172 -22.96 20.60 -3.30
C VAL B 172 -23.33 19.14 -3.54
N ASN B 173 -24.57 18.81 -3.21
CA ASN B 173 -25.09 17.50 -3.60
C ASN B 173 -26.24 17.63 -4.57
N VAL B 174 -26.13 16.90 -5.67
CA VAL B 174 -27.06 17.03 -6.79
C VAL B 174 -27.91 15.76 -6.90
N PRO B 175 -29.26 15.90 -6.87
CA PRO B 175 -30.08 14.69 -7.03
C PRO B 175 -29.80 14.03 -8.38
N ASP B 176 -29.89 12.70 -8.43
CA ASP B 176 -29.62 12.01 -9.68
C ASP B 176 -30.87 12.04 -10.58
N LEU B 177 -31.16 13.23 -11.14
CA LEU B 177 -32.35 13.45 -11.98
C LEU B 177 -31.95 14.25 -13.21
N PRO B 178 -32.74 14.13 -14.31
CA PRO B 178 -32.54 15.06 -15.43
C PRO B 178 -32.71 16.48 -14.89
N LEU B 179 -31.98 17.43 -15.46
CA LEU B 179 -31.98 18.81 -14.97
C LEU B 179 -33.42 19.36 -14.82
N ALA B 180 -34.26 19.11 -15.83
CA ALA B 180 -35.65 19.61 -15.82
C ALA B 180 -36.42 19.15 -14.59
N GLN B 181 -36.03 18.00 -14.02
CA GLN B 181 -36.67 17.51 -12.80
C GLN B 181 -36.12 18.03 -11.46
N VAL B 182 -34.97 18.73 -11.48
CA VAL B 182 -34.46 19.29 -10.23
C VAL B 182 -35.25 20.55 -9.84
N LYS B 183 -35.70 20.59 -8.60
CA LYS B 183 -36.68 21.61 -8.19
C LYS B 183 -36.07 22.99 -7.94
N GLY B 184 -34.79 23.00 -7.60
CA GLY B 184 -34.11 24.24 -7.32
C GLY B 184 -32.98 23.94 -6.38
N ILE B 185 -32.63 24.92 -5.55
CA ILE B 185 -31.54 24.77 -4.60
C ILE B 185 -32.04 25.06 -3.20
N ARG B 186 -31.56 24.31 -2.22
CA ARG B 186 -31.74 24.70 -0.83
C ARG B 186 -30.39 24.86 -0.15
N VAL B 187 -30.23 25.92 0.62
CA VAL B 187 -29.08 26.09 1.48
C VAL B 187 -29.41 25.26 2.69
N THR B 188 -28.50 24.35 3.04
CA THR B 188 -28.78 23.35 4.07
C THR B 188 -27.72 23.30 5.17
N ARG B 189 -27.99 22.49 6.21
CA ARG B 189 -26.94 22.12 7.18
C ARG B 189 -26.73 20.62 7.03
N CYS B 190 -25.59 20.16 7.49
CA CYS B 190 -25.32 18.71 7.44
C CYS B 190 -26.25 18.01 8.41
N GLY B 191 -26.95 16.98 7.91
CA GLY B 191 -27.72 16.04 8.78
C GLY B 191 -26.77 15.14 9.58
N SER B 192 -27.31 14.12 10.25
CA SER B 192 -26.43 13.21 11.01
C SER B 192 -27.04 11.83 11.02
N ARG B 193 -26.20 10.86 11.39
CA ARG B 193 -26.61 9.46 11.43
C ARG B 193 -26.43 8.92 12.81
N HIS B 194 -27.14 7.84 13.12
CA HIS B 194 -26.79 7.04 14.28
C HIS B 194 -25.40 6.47 14.08
N PRO B 195 -24.74 6.07 15.16
CA PRO B 195 -23.41 5.46 15.08
C PRO B 195 -23.44 4.28 14.13
N ALA B 196 -22.47 4.22 13.23
CA ALA B 196 -22.31 3.06 12.37
C ALA B 196 -21.76 1.92 13.24
N ASP B 197 -22.32 0.71 13.14
CA ASP B 197 -21.78 -0.36 13.99
C ASP B 197 -21.54 -1.69 13.31
N LYS B 198 -21.81 -1.74 12.02
CA LYS B 198 -21.72 -2.98 11.26
C LYS B 198 -20.31 -3.22 10.73
N VAL B 199 -19.82 -4.41 11.00
CA VAL B 199 -18.60 -4.91 10.39
C VAL B 199 -19.01 -6.17 9.64
N ILE B 200 -18.43 -6.38 8.46
CA ILE B 200 -18.69 -7.61 7.69
C ILE B 200 -17.43 -8.47 7.66
N PRO B 201 -17.42 -9.51 8.49
CA PRO B 201 -16.22 -10.35 8.55
C PRO B 201 -16.27 -11.40 7.45
N GLN B 202 -15.13 -11.69 6.85
CA GLN B 202 -15.03 -12.74 5.80
C GLN B 202 -13.75 -13.50 5.98
N GLU B 203 -13.84 -14.83 6.05
CA GLU B 203 -12.63 -15.60 6.24
C GLU B 203 -11.81 -15.72 4.95
N ASP B 204 -10.49 -15.72 5.10
CA ASP B 204 -9.64 -15.98 3.95
C ASP B 204 -9.59 -17.53 3.74
N PRO B 205 -8.86 -18.01 2.73
CA PRO B 205 -8.88 -19.48 2.51
C PRO B 205 -8.18 -20.30 3.58
N ARG B 206 -7.40 -19.66 4.45
CA ARG B 206 -6.72 -20.33 5.54
C ARG B 206 -7.50 -20.26 6.85
N GLY B 207 -8.70 -19.69 6.81
CA GLY B 207 -9.52 -19.59 8.01
C GLY B 207 -9.24 -18.34 8.85
N ASN B 208 -8.41 -17.41 8.37
CA ASN B 208 -8.21 -16.17 9.11
C ASN B 208 -9.36 -15.21 8.86
N THR B 209 -9.78 -14.47 9.88
CA THR B 209 -10.91 -13.56 9.71
C THR B 209 -10.43 -12.17 9.30
N LEU B 210 -10.93 -11.69 8.17
CA LEU B 210 -10.67 -10.30 7.72
C LEU B 210 -11.96 -9.46 7.81
N TYR B 211 -11.84 -8.14 7.87
CA TYR B 211 -12.98 -7.31 8.21
C TYR B 211 -13.26 -6.21 7.22
N TRP B 212 -14.49 -6.15 6.74
CA TRP B 212 -14.93 -5.04 5.92
C TRP B 212 -15.68 -4.04 6.74
N ILE B 213 -15.41 -2.76 6.51
CA ILE B 213 -16.26 -1.70 7.06
CA ILE B 213 -16.25 -1.67 7.04
C ILE B 213 -17.66 -1.77 6.46
N GLY B 214 -18.67 -1.78 7.32
CA GLY B 214 -20.04 -1.93 6.86
C GLY B 214 -20.68 -0.60 6.50
N PRO B 215 -22.00 -0.63 6.24
CA PRO B 215 -22.82 0.52 5.88
C PRO B 215 -22.84 1.54 7.02
N PRO B 216 -23.06 2.83 6.69
CA PRO B 216 -23.28 3.88 7.70
C PRO B 216 -24.52 3.58 8.54
N GLY B 217 -24.63 4.23 9.71
CA GLY B 217 -25.77 4.09 10.59
C GLY B 217 -27.00 4.69 9.95
N ASP B 218 -28.17 4.40 10.50
CA ASP B 218 -29.39 4.96 9.94
C ASP B 218 -29.41 6.45 10.19
N LYS B 219 -30.12 7.18 9.34
CA LYS B 219 -30.27 8.62 9.50
C LYS B 219 -30.89 8.95 10.85
N TYR B 220 -30.36 9.97 11.49
CA TYR B 220 -30.88 10.43 12.75
C TYR B 220 -31.51 11.82 12.53
N ASP B 221 -30.67 12.80 12.17
CA ASP B 221 -31.10 14.17 11.90
C ASP B 221 -31.16 14.37 10.39
N ALA B 222 -32.36 14.20 9.83
CA ALA B 222 -32.59 14.28 8.39
C ALA B 222 -33.92 14.96 8.09
N GLY B 223 -34.29 15.89 8.95
CA GLY B 223 -35.51 16.68 8.77
C GLY B 223 -35.32 17.87 7.84
N PRO B 224 -36.32 18.72 7.80
CA PRO B 224 -36.46 19.81 6.84
C PRO B 224 -35.27 20.69 6.50
N ASP B 225 -34.41 21.03 7.41
CA ASP B 225 -33.32 21.94 7.08
C ASP B 225 -32.03 21.24 6.67
N THR B 226 -32.08 19.92 6.61
CA THR B 226 -30.87 19.14 6.33
C THR B 226 -30.61 18.91 4.84
N ASP B 227 -29.34 18.62 4.57
CA ASP B 227 -28.88 18.24 3.27
C ASP B 227 -29.55 16.95 2.78
N PHE B 228 -29.68 15.96 3.66
CA PHE B 228 -30.43 14.73 3.32
C PHE B 228 -31.81 15.06 2.76
N ALA B 229 -32.57 15.84 3.53
CA ALA B 229 -33.96 16.15 3.16
C ALA B 229 -34.02 16.86 1.81
N ALA B 230 -33.15 17.84 1.59
CA ALA B 230 -33.12 18.52 0.30
C ALA B 230 -32.93 17.59 -0.89
N VAL B 231 -31.94 16.70 -0.82
CA VAL B 231 -31.66 15.80 -1.91
C VAL B 231 -32.86 14.84 -2.11
N ASP B 232 -33.39 14.32 -1.01
CA ASP B 232 -34.57 13.44 -1.08
C ASP B 232 -35.73 14.11 -1.79
N GLU B 233 -35.91 15.42 -1.59
CA GLU B 233 -37.06 16.14 -2.18
C GLU B 233 -36.80 16.65 -3.58
N GLY B 234 -35.61 16.35 -4.13
CA GLY B 234 -35.26 16.67 -5.49
C GLY B 234 -34.65 18.06 -5.67
N TYR B 235 -34.04 18.58 -4.60
CA TYR B 235 -33.32 19.86 -4.65
C TYR B 235 -31.83 19.60 -4.62
N VAL B 236 -31.09 20.47 -5.29
CA VAL B 236 -29.66 20.60 -5.02
C VAL B 236 -29.50 21.08 -3.60
N SER B 237 -28.62 20.42 -2.84
CA SER B 237 -28.29 20.85 -1.50
C SER B 237 -26.97 21.60 -1.56
N VAL B 238 -26.92 22.80 -0.97
CA VAL B 238 -25.65 23.54 -0.85
C VAL B 238 -25.41 23.84 0.62
N THR B 239 -24.34 23.27 1.20
CA THR B 239 -24.05 23.50 2.61
C THR B 239 -22.72 24.21 2.69
N PRO B 240 -22.66 25.42 3.28
CA PRO B 240 -21.33 26.01 3.47
C PRO B 240 -20.60 25.21 4.57
N LEU B 241 -19.34 24.88 4.34
CA LEU B 241 -18.55 24.16 5.36
C LEU B 241 -17.42 25.01 5.87
N HIS B 242 -16.86 24.63 7.02
CA HIS B 242 -15.65 25.24 7.48
C HIS B 242 -14.81 24.16 8.13
N VAL B 243 -13.56 24.48 8.48
CA VAL B 243 -12.64 23.47 9.02
C VAL B 243 -12.47 23.58 10.54
N ASP B 244 -13.14 24.55 11.16
CA ASP B 244 -13.04 24.73 12.64
C ASP B 244 -13.91 23.63 13.27
N LEU B 245 -13.28 22.64 13.91
CA LEU B 245 -13.99 21.52 14.53
C LEU B 245 -14.41 21.80 16.00
N THR B 246 -14.12 23.00 16.47
CA THR B 246 -14.47 23.37 17.85
C THR B 246 -15.96 23.24 18.13
N ALA B 247 -16.30 22.51 19.19
CA ALA B 247 -17.68 22.43 19.64
C ALA B 247 -17.92 23.59 20.62
N HIS B 248 -18.11 24.79 20.06
CA HIS B 248 -18.12 26.01 20.88
C HIS B 248 -19.16 25.97 21.98
N SER B 249 -20.29 25.33 21.73
CA SER B 249 -21.39 25.25 22.71
CA SER B 249 -21.37 25.31 22.73
C SER B 249 -21.01 24.48 23.97
N ALA B 250 -19.98 23.65 23.89
CA ALA B 250 -19.56 22.84 25.07
C ALA B 250 -18.53 23.53 25.99
N HIS B 251 -18.11 24.74 25.66
CA HIS B 251 -17.02 25.38 26.37
C HIS B 251 -17.26 25.47 27.87
N ASP B 252 -18.38 26.04 28.25
CA ASP B 252 -18.65 26.25 29.69
C ASP B 252 -18.83 24.96 30.46
N VAL B 253 -19.55 24.02 29.87
CA VAL B 253 -19.75 22.71 30.51
C VAL B 253 -18.40 22.02 30.77
N VAL B 254 -17.51 22.03 29.77
CA VAL B 254 -16.17 21.45 29.99
C VAL B 254 -15.36 22.16 31.06
N SER B 255 -15.35 23.50 31.04
CA SER B 255 -14.65 24.29 32.04
C SER B 255 -15.17 23.99 33.46
N ASP B 256 -16.49 24.02 33.61
CA ASP B 256 -17.11 23.72 34.92
C ASP B 256 -16.84 22.29 35.37
N TRP B 257 -16.91 21.34 34.43
CA TRP B 257 -16.51 19.98 34.73
C TRP B 257 -15.10 19.84 35.29
N LEU B 258 -14.08 20.41 34.63
CA LEU B 258 -12.72 20.37 35.11
C LEU B 258 -12.62 20.90 36.54
N ASP B 259 -13.31 22.02 36.79
CA ASP B 259 -13.29 22.62 38.11
C ASP B 259 -13.90 21.67 39.12
N SER B 260 -15.00 21.04 38.75
CA SER B 260 -15.75 20.19 39.66
C SER B 260 -14.95 18.94 40.02
N VAL B 261 -14.15 18.44 39.07
CA VAL B 261 -13.33 17.23 39.38
C VAL B 261 -11.89 17.52 39.81
N GLY B 262 -11.53 18.78 39.96
CA GLY B 262 -10.17 19.11 40.45
C GLY B 262 -9.02 18.86 39.51
N VAL B 263 -9.28 18.90 38.20
CA VAL B 263 -8.23 18.69 37.23
C VAL B 263 -7.88 20.08 36.70
N GLY B 264 -6.63 20.46 36.90
CA GLY B 264 -6.15 21.81 36.59
C GLY B 264 -6.38 22.84 37.68
N THR B 265 -6.78 22.39 38.86
CA THR B 265 -6.97 23.31 40.01
C THR B 265 -6.57 22.49 41.23
N GLN B 266 -5.98 23.13 42.24
CA GLN B 266 -5.66 22.43 43.48
C GLN B 266 -6.91 22.29 44.37
N TRP B 267 -7.91 23.12 44.11
CA TRP B 267 -9.07 23.21 45.00
C TRP B 267 -10.38 22.90 44.35
N SER C 14 -7.73 -22.11 -34.64
CA SER C 14 -7.39 -20.69 -34.24
C SER C 14 -6.89 -20.59 -32.78
N MET C 15 -5.63 -20.20 -32.62
CA MET C 15 -4.93 -20.22 -31.32
C MET C 15 -5.58 -19.27 -30.33
N ARG C 16 -5.74 -19.70 -29.09
N ARG C 16 -5.73 -19.73 -29.09
CA ARG C 16 -6.33 -18.83 -28.05
CA ARG C 16 -6.29 -18.91 -28.01
C ARG C 16 -5.25 -18.39 -27.09
C ARG C 16 -5.11 -18.41 -27.19
N ILE C 17 -4.95 -17.09 -27.14
CA ILE C 17 -3.79 -16.49 -26.48
C ILE C 17 -4.21 -15.68 -25.26
N LEU C 18 -3.60 -16.00 -24.11
CA LEU C 18 -3.68 -15.13 -22.92
CA LEU C 18 -3.69 -15.12 -22.93
C LEU C 18 -2.50 -14.19 -23.00
N LEU C 19 -2.80 -12.90 -23.16
CA LEU C 19 -1.79 -11.89 -23.34
C LEU C 19 -1.67 -11.10 -22.03
N SER C 20 -0.46 -11.05 -21.47
CA SER C 20 -0.20 -10.26 -20.23
C SER C 20 1.09 -9.45 -20.41
N ASN C 21 1.50 -8.68 -19.38
CA ASN C 21 2.77 -7.99 -19.39
C ASN C 21 3.08 -7.59 -17.95
N ASP C 22 4.11 -6.78 -17.72
N ASP C 22 4.02 -6.64 -17.97
CA ASP C 22 4.16 -6.15 -16.39
CA ASP C 22 4.69 -6.22 -16.75
C ASP C 22 4.34 -4.63 -16.44
C ASP C 22 4.68 -4.69 -16.62
N ASP C 23 4.12 -4.05 -17.62
N ASP C 23 4.13 -4.02 -17.63
CA ASP C 23 4.10 -2.59 -17.73
CA ASP C 23 4.05 -2.56 -17.62
C ASP C 23 2.69 -2.03 -17.52
C ASP C 23 2.64 -2.01 -17.52
N GLY C 24 1.67 -2.91 -17.49
CA GLY C 24 0.28 -2.50 -17.35
C GLY C 24 -0.57 -2.61 -18.59
N VAL C 25 -1.87 -2.73 -18.37
CA VAL C 25 -2.85 -2.96 -19.42
C VAL C 25 -2.80 -1.92 -20.57
N HIS C 26 -2.36 -0.68 -20.27
CA HIS C 26 -2.34 0.42 -21.26
C HIS C 26 -1.00 0.67 -21.89
N ALA C 27 0.01 -0.15 -21.56
CA ALA C 27 1.35 0.05 -22.06
C ALA C 27 1.35 -0.11 -23.60
N PRO C 28 2.16 0.69 -24.30
CA PRO C 28 2.16 0.55 -25.77
C PRO C 28 2.59 -0.84 -26.22
N GLY C 29 3.52 -1.47 -25.47
CA GLY C 29 4.07 -2.80 -25.85
C GLY C 29 3.01 -3.86 -25.91
N ILE C 30 2.15 -3.92 -24.88
CA ILE C 30 1.07 -4.89 -24.88
C ILE C 30 -0.04 -4.57 -25.87
N GLN C 31 -0.33 -3.28 -26.06
CA GLN C 31 -1.41 -2.92 -26.99
C GLN C 31 -0.99 -3.14 -28.45
N THR C 32 0.27 -2.79 -28.73
CA THR C 32 0.85 -3.06 -30.06
C THR C 32 0.80 -4.56 -30.36
N LEU C 33 1.25 -5.37 -29.41
CA LEU C 33 1.19 -6.81 -29.58
C LEU C 33 -0.23 -7.38 -29.71
N ALA C 34 -1.18 -6.90 -28.89
CA ALA C 34 -2.58 -7.37 -28.97
C ALA C 34 -3.15 -7.16 -30.38
N LYS C 35 -2.88 -5.99 -30.95
CA LYS C 35 -3.38 -5.64 -32.28
C LYS C 35 -2.83 -6.62 -33.31
N ALA C 36 -1.50 -6.85 -33.27
CA ALA C 36 -0.88 -7.80 -34.19
C ALA C 36 -1.45 -9.21 -34.05
N LEU C 37 -1.60 -9.68 -32.81
CA LEU C 37 -2.07 -11.06 -32.60
C LEU C 37 -3.53 -11.27 -32.99
N ARG C 38 -4.36 -10.24 -32.83
CA ARG C 38 -5.81 -10.36 -33.05
C ARG C 38 -6.18 -10.61 -34.50
N GLU C 39 -5.23 -10.34 -35.39
CA GLU C 39 -5.39 -10.63 -36.82
C GLU C 39 -5.46 -12.11 -37.13
N PHE C 40 -4.87 -12.95 -36.28
CA PHE C 40 -4.85 -14.39 -36.56
C PHE C 40 -5.17 -15.28 -35.38
N ALA C 41 -5.39 -14.68 -34.20
CA ALA C 41 -5.71 -15.45 -32.99
C ALA C 41 -6.81 -14.79 -32.16
N ASP C 42 -7.45 -15.59 -31.30
CA ASP C 42 -8.35 -15.09 -30.26
C ASP C 42 -7.49 -14.67 -29.05
N VAL C 43 -7.50 -13.39 -28.74
CA VAL C 43 -6.63 -12.84 -27.69
C VAL C 43 -7.48 -12.36 -26.53
N GLN C 44 -7.12 -12.78 -25.31
CA GLN C 44 -7.70 -12.18 -24.11
C GLN C 44 -6.56 -11.55 -23.33
N VAL C 45 -6.61 -10.23 -23.16
CA VAL C 45 -5.65 -9.51 -22.31
C VAL C 45 -6.07 -9.61 -20.84
N VAL C 46 -5.15 -10.05 -19.97
CA VAL C 46 -5.32 -9.95 -18.50
C VAL C 46 -3.98 -9.46 -17.98
N ALA C 47 -3.95 -8.21 -17.50
CA ALA C 47 -2.69 -7.50 -17.25
C ALA C 47 -2.78 -6.63 -16.00
N PRO C 48 -1.63 -6.25 -15.41
CA PRO C 48 -1.69 -5.35 -14.24
C PRO C 48 -2.39 -4.04 -14.55
N ASP C 49 -3.04 -3.46 -13.55
CA ASP C 49 -3.71 -2.19 -13.78
C ASP C 49 -2.74 -1.04 -13.96
N ARG C 50 -1.47 -1.21 -13.54
CA ARG C 50 -0.41 -0.20 -13.75
C ARG C 50 0.99 -0.84 -13.81
N ASN C 51 2.04 -0.03 -13.97
CA ASN C 51 3.43 -0.53 -13.96
C ASN C 51 3.96 -1.38 -12.76
N ARG C 52 4.39 -2.62 -13.05
CA ARG C 52 4.87 -3.57 -12.02
C ARG C 52 6.25 -4.17 -12.35
N SER C 53 7.10 -3.42 -13.08
CA SER C 53 8.48 -3.89 -13.35
C SER C 53 9.22 -4.30 -12.05
N GLY C 54 10.00 -5.38 -12.11
CA GLY C 54 10.67 -5.91 -10.89
C GLY C 54 9.75 -6.71 -9.96
N ALA C 55 8.52 -6.99 -10.40
CA ALA C 55 7.56 -7.76 -9.59
C ALA C 55 7.97 -9.22 -9.54
N SER C 56 8.89 -9.63 -10.43
CA SER C 56 9.42 -10.99 -10.40
C SER C 56 8.22 -11.93 -10.46
N ASN C 57 8.32 -13.07 -9.81
CA ASN C 57 7.29 -14.08 -9.77
C ASN C 57 6.41 -13.92 -8.54
N SER C 58 6.30 -12.70 -8.02
CA SER C 58 5.44 -12.49 -6.84
C SER C 58 3.97 -12.75 -7.11
N LEU C 59 3.29 -13.29 -6.10
CA LEU C 59 1.88 -13.69 -6.14
CA LEU C 59 1.86 -13.36 -6.26
C LEU C 59 1.17 -12.97 -4.98
N THR C 60 -0.06 -12.54 -5.17
CA THR C 60 -0.82 -11.94 -4.07
C THR C 60 -1.54 -13.07 -3.36
N LEU C 61 -1.08 -13.41 -2.16
CA LEU C 61 -1.66 -14.50 -1.37
C LEU C 61 -2.46 -13.98 -0.15
N GLU C 62 -2.08 -12.78 0.35
CA GLU C 62 -2.67 -12.20 1.60
C GLU C 62 -4.04 -11.57 1.39
N SER C 63 -4.40 -11.26 0.15
CA SER C 63 -5.64 -10.53 -0.17
CA SER C 63 -5.66 -10.58 -0.15
C SER C 63 -6.27 -11.19 -1.39
N SER C 64 -7.58 -11.01 -1.54
CA SER C 64 -8.26 -11.39 -2.78
C SER C 64 -8.03 -10.28 -3.79
N LEU C 65 -8.26 -10.60 -5.08
CA LEU C 65 -7.98 -9.66 -6.15
C LEU C 65 -9.27 -9.19 -6.82
N ARG C 66 -9.28 -7.91 -7.15
CA ARG C 66 -10.42 -7.25 -7.80
C ARG C 66 -10.04 -7.02 -9.25
N THR C 67 -10.97 -7.26 -10.17
CA THR C 67 -10.67 -7.01 -11.58
C THR C 67 -11.54 -5.90 -12.17
N PHE C 68 -11.08 -5.29 -13.27
CA PHE C 68 -11.91 -4.39 -14.03
C PHE C 68 -11.87 -4.78 -15.51
N THR C 69 -13.00 -4.68 -16.19
CA THR C 69 -13.05 -5.00 -17.62
C THR C 69 -13.36 -3.78 -18.47
N PHE C 70 -12.46 -3.48 -19.38
CA PHE C 70 -12.61 -2.34 -20.29
C PHE C 70 -13.61 -2.61 -21.42
N ASP C 71 -13.95 -1.56 -22.17
CA ASP C 71 -14.91 -1.65 -23.29
C ASP C 71 -14.48 -2.69 -24.30
N ASN C 72 -13.21 -2.66 -24.71
CA ASN C 72 -12.70 -3.61 -25.69
C ASN C 72 -12.61 -5.05 -25.18
N GLY C 73 -12.83 -5.26 -23.88
CA GLY C 73 -12.75 -6.60 -23.30
C GLY C 73 -11.48 -6.94 -22.51
N ASP C 74 -10.49 -6.04 -22.54
CA ASP C 74 -9.27 -6.23 -21.73
C ASP C 74 -9.62 -6.31 -20.24
N ILE C 75 -8.91 -7.17 -19.50
CA ILE C 75 -9.11 -7.24 -18.05
C ILE C 75 -7.85 -6.71 -17.37
N ALA C 76 -8.04 -5.78 -16.43
CA ALA C 76 -6.94 -5.33 -15.56
C ALA C 76 -7.19 -5.92 -14.19
N VAL C 77 -6.12 -6.41 -13.58
CA VAL C 77 -6.22 -6.87 -12.20
C VAL C 77 -5.70 -5.74 -11.33
N GLN C 78 -6.58 -5.23 -10.45
CA GLN C 78 -6.21 -4.13 -9.56
C GLN C 78 -5.13 -4.59 -8.57
N MET C 79 -4.01 -3.89 -8.56
CA MET C 79 -2.82 -4.24 -7.76
C MET C 79 -2.33 -5.65 -8.08
N GLY C 80 -2.74 -6.18 -9.23
CA GLY C 80 -2.35 -7.54 -9.59
C GLY C 80 -0.92 -7.60 -10.09
N THR C 81 -0.20 -8.65 -9.70
CA THR C 81 1.14 -8.87 -10.30
C THR C 81 0.96 -9.63 -11.61
N PRO C 82 2.01 -9.71 -12.43
CA PRO C 82 1.87 -10.43 -13.71
C PRO C 82 1.52 -11.88 -13.47
N THR C 83 2.11 -12.51 -12.46
CA THR C 83 1.77 -13.89 -12.13
C THR C 83 0.28 -13.97 -11.71
N ASP C 84 -0.19 -13.03 -10.89
CA ASP C 84 -1.63 -13.02 -10.53
C ASP C 84 -2.48 -13.01 -11.82
N CYS C 85 -2.08 -12.19 -12.79
CA CYS C 85 -2.88 -11.98 -14.02
C CYS C 85 -3.02 -13.28 -14.81
N VAL C 86 -1.91 -13.96 -15.00
CA VAL C 86 -1.89 -15.24 -15.73
C VAL C 86 -2.59 -16.33 -14.93
N TYR C 87 -2.35 -16.38 -13.62
CA TYR C 87 -3.03 -17.34 -12.81
C TYR C 87 -4.54 -17.20 -12.93
N LEU C 88 -5.04 -15.96 -12.79
CA LEU C 88 -6.50 -15.75 -12.88
C LEU C 88 -7.03 -15.99 -14.30
N GLY C 89 -6.26 -15.52 -15.29
CA GLY C 89 -6.58 -15.69 -16.72
C GLY C 89 -6.81 -17.16 -17.06
N VAL C 90 -5.86 -18.00 -16.68
CA VAL C 90 -5.90 -19.44 -17.01
C VAL C 90 -6.96 -20.18 -16.20
N ASN C 91 -7.03 -19.89 -14.90
CA ASN C 91 -7.83 -20.69 -14.00
C ASN C 91 -9.28 -20.22 -13.77
N ALA C 92 -9.62 -19.05 -14.29
CA ALA C 92 -10.98 -18.52 -14.10
C ALA C 92 -11.50 -17.61 -15.21
N LEU C 93 -10.69 -16.64 -15.62
CA LEU C 93 -11.19 -15.50 -16.38
C LEU C 93 -11.26 -15.64 -17.89
N MET C 94 -10.39 -16.46 -18.48
CA MET C 94 -10.46 -16.72 -19.92
C MET C 94 -11.13 -18.06 -20.18
N ARG C 95 -12.33 -18.01 -20.77
CA ARG C 95 -13.10 -19.21 -21.11
C ARG C 95 -13.57 -19.12 -22.56
N PRO C 96 -13.25 -20.14 -23.39
CA PRO C 96 -12.48 -21.34 -23.02
C PRO C 96 -10.99 -21.01 -22.74
N ARG C 97 -10.32 -21.94 -22.04
CA ARG C 97 -8.96 -21.70 -21.55
C ARG C 97 -7.96 -21.43 -22.70
N PRO C 98 -6.87 -20.66 -22.42
CA PRO C 98 -5.91 -20.32 -23.48
C PRO C 98 -5.07 -21.52 -23.89
N ASP C 99 -4.55 -21.46 -25.13
CA ASP C 99 -3.61 -22.49 -25.58
C ASP C 99 -2.19 -22.12 -25.21
N ILE C 100 -1.96 -20.83 -24.95
CA ILE C 100 -0.62 -20.30 -24.79
C ILE C 100 -0.70 -19.00 -24.00
N VAL C 101 0.37 -18.68 -23.28
CA VAL C 101 0.52 -17.38 -22.64
C VAL C 101 1.60 -16.65 -23.42
N VAL C 102 1.33 -15.40 -23.78
CA VAL C 102 2.33 -14.49 -24.32
C VAL C 102 2.41 -13.28 -23.37
N SER C 103 3.64 -12.90 -23.05
CA SER C 103 3.87 -11.83 -22.09
C SER C 103 4.79 -10.81 -22.74
N GLY C 104 4.33 -9.56 -22.85
CA GLY C 104 5.15 -8.52 -23.47
C GLY C 104 4.24 -7.58 -24.29
N ILE C 105 4.79 -6.76 -25.17
CA ILE C 105 6.22 -6.58 -25.36
C ILE C 105 6.71 -5.66 -24.25
N ASN C 106 7.66 -6.14 -23.44
CA ASN C 106 8.23 -5.29 -22.40
C ASN C 106 9.10 -4.15 -22.95
N ALA C 107 8.91 -2.96 -22.36
CA ALA C 107 9.77 -1.81 -22.61
C ALA C 107 11.07 -1.99 -21.87
N GLY C 108 12.05 -2.58 -22.54
CA GLY C 108 13.30 -2.87 -21.91
C GLY C 108 13.67 -4.35 -21.86
N PRO C 109 14.98 -4.63 -21.87
CA PRO C 109 15.46 -6.01 -21.94
C PRO C 109 15.24 -6.80 -20.66
N ASN C 110 15.15 -8.12 -20.82
CA ASN C 110 15.19 -9.04 -19.70
C ASN C 110 16.24 -10.11 -20.01
N LEU C 111 17.47 -9.83 -19.61
CA LEU C 111 18.66 -10.59 -20.01
C LEU C 111 19.48 -11.04 -18.80
N GLY C 112 20.18 -12.15 -18.97
CA GLY C 112 21.12 -12.60 -17.95
C GLY C 112 20.49 -13.07 -16.65
N ASP C 113 21.21 -12.87 -15.55
CA ASP C 113 20.68 -13.23 -14.25
C ASP C 113 19.59 -12.27 -13.77
N ASP C 114 19.34 -11.19 -14.51
CA ASP C 114 18.20 -10.30 -14.24
C ASP C 114 16.85 -10.98 -14.42
N VAL C 115 16.81 -12.08 -15.18
CA VAL C 115 15.53 -12.65 -15.56
C VAL C 115 14.72 -13.10 -14.35
N ILE C 116 15.39 -13.51 -13.27
N ILE C 116 15.38 -13.49 -13.26
CA ILE C 116 14.69 -13.92 -12.04
CA ILE C 116 14.66 -13.95 -12.07
C ILE C 116 13.79 -12.82 -11.50
C ILE C 116 13.90 -12.82 -11.35
N TYR C 117 14.19 -11.57 -11.72
CA TYR C 117 13.43 -10.40 -11.19
C TYR C 117 12.34 -9.88 -12.14
N SER C 118 12.25 -10.45 -13.35
CA SER C 118 11.39 -9.92 -14.38
C SER C 118 9.95 -10.37 -14.23
N GLY C 119 9.02 -9.40 -14.15
CA GLY C 119 7.60 -9.76 -14.18
C GLY C 119 7.17 -10.20 -15.57
N THR C 120 7.78 -9.64 -16.62
CA THR C 120 7.50 -10.13 -17.99
C THR C 120 7.76 -11.65 -18.08
N VAL C 121 8.95 -12.06 -17.64
CA VAL C 121 9.33 -13.48 -17.60
C VAL C 121 8.42 -14.25 -16.72
N ALA C 122 8.08 -13.69 -15.54
CA ALA C 122 7.14 -14.38 -14.66
C ALA C 122 5.76 -14.74 -15.24
N ALA C 123 5.15 -13.81 -16.00
CA ALA C 123 3.87 -14.10 -16.60
C ALA C 123 4.01 -15.32 -17.54
N ALA C 124 5.07 -15.33 -18.35
CA ALA C 124 5.33 -16.49 -19.23
C ALA C 124 5.49 -17.76 -18.41
N MET C 125 6.34 -17.71 -17.38
CA MET C 125 6.55 -18.84 -16.51
C MET C 125 5.25 -19.39 -15.94
N ALA C 126 4.31 -18.50 -15.66
CA ALA C 126 2.99 -18.94 -15.16
C ALA C 126 2.13 -19.68 -16.21
N GLY C 127 2.50 -19.53 -17.49
CA GLY C 127 1.86 -20.27 -18.57
C GLY C 127 2.60 -21.52 -19.02
N ARG C 128 3.55 -22.01 -18.21
CA ARG C 128 4.40 -23.14 -18.60
C ARG C 128 3.66 -24.46 -18.77
N HIS C 129 2.47 -24.57 -18.19
CA HIS C 129 1.77 -25.85 -18.21
C HIS C 129 0.78 -25.98 -19.34
N LEU C 130 0.70 -24.97 -20.20
CA LEU C 130 -0.28 -24.99 -21.29
C LEU C 130 0.20 -25.80 -22.51
N GLY C 131 -0.66 -25.89 -23.52
CA GLY C 131 -0.38 -26.71 -24.73
C GLY C 131 0.87 -26.32 -25.49
N PHE C 132 1.14 -25.02 -25.53
CA PHE C 132 2.32 -24.46 -26.19
C PHE C 132 3.26 -23.80 -25.18
N PRO C 133 4.54 -23.73 -25.50
CA PRO C 133 5.46 -23.05 -24.57
C PRO C 133 5.09 -21.56 -24.48
N ALA C 134 5.20 -20.98 -23.28
CA ALA C 134 4.89 -19.58 -23.18
C ALA C 134 6.00 -18.73 -23.74
N LEU C 135 5.66 -17.54 -24.21
CA LEU C 135 6.66 -16.59 -24.74
C LEU C 135 6.72 -15.37 -23.84
N ALA C 136 7.93 -14.98 -23.47
CA ALA C 136 8.17 -13.69 -22.82
C ALA C 136 8.91 -12.88 -23.87
N VAL C 137 8.44 -11.68 -24.14
CA VAL C 137 9.00 -10.87 -25.23
C VAL C 137 9.36 -9.47 -24.71
N SER C 138 10.63 -9.14 -24.84
CA SER C 138 11.17 -7.89 -24.33
C SER C 138 11.96 -7.19 -25.41
N LEU C 139 11.64 -5.90 -25.60
CA LEU C 139 12.34 -5.03 -26.53
C LEU C 139 13.52 -4.32 -25.84
N ASN C 140 14.66 -4.28 -26.53
CA ASN C 140 15.86 -3.65 -25.99
C ASN C 140 15.82 -2.14 -26.19
N GLY C 141 14.80 -1.52 -25.62
CA GLY C 141 14.58 -0.08 -25.78
C GLY C 141 13.08 0.17 -25.79
N TYR C 142 12.67 1.29 -26.38
CA TYR C 142 11.27 1.72 -26.36
C TYR C 142 10.75 2.09 -27.74
N GLN C 143 11.63 2.04 -28.74
CA GLN C 143 11.30 2.52 -30.08
C GLN C 143 10.51 1.51 -30.93
N HIS C 144 11.13 0.38 -31.24
CA HIS C 144 10.58 -0.51 -32.26
C HIS C 144 9.72 -1.63 -31.79
N TYR C 145 8.54 -1.30 -31.25
CA TYR C 145 7.56 -2.32 -30.87
C TYR C 145 7.10 -3.16 -32.05
N ASP C 146 6.98 -2.54 -33.23
N ASP C 146 6.97 -2.57 -33.24
CA ASP C 146 6.57 -3.27 -34.44
CA ASP C 146 6.52 -3.36 -34.41
C ASP C 146 7.53 -4.42 -34.76
C ASP C 146 7.54 -4.44 -34.80
N THR C 147 8.83 -4.17 -34.58
CA THR C 147 9.88 -5.18 -34.78
C THR C 147 9.62 -6.40 -33.86
N ALA C 148 9.39 -6.13 -32.57
CA ALA C 148 9.13 -7.21 -31.62
C ALA C 148 7.83 -7.93 -31.93
N ALA C 149 6.82 -7.20 -32.39
CA ALA C 149 5.54 -7.82 -32.72
C ALA C 149 5.71 -8.79 -33.91
N ALA C 150 6.50 -8.37 -34.89
CA ALA C 150 6.72 -9.18 -36.09
C ALA C 150 7.42 -10.49 -35.72
N VAL C 151 8.44 -10.38 -34.87
CA VAL C 151 9.15 -11.55 -34.33
C VAL C 151 8.21 -12.49 -33.57
N THR C 152 7.40 -11.93 -32.68
CA THR C 152 6.43 -12.72 -31.91
C THR C 152 5.45 -13.43 -32.85
N CYS C 153 4.93 -12.71 -33.85
CA CYS C 153 3.95 -13.32 -34.75
C CYS C 153 4.59 -14.51 -35.53
N ALA C 154 5.82 -14.32 -35.97
CA ALA C 154 6.59 -15.39 -36.64
C ALA C 154 6.74 -16.62 -35.74
N LEU C 155 7.10 -16.41 -34.47
CA LEU C 155 7.20 -17.54 -33.55
C LEU C 155 5.86 -18.22 -33.34
N LEU C 156 4.79 -17.45 -33.15
CA LEU C 156 3.49 -18.06 -32.91
C LEU C 156 3.01 -18.85 -34.12
N ARG C 157 3.23 -18.28 -35.30
CA ARG C 157 2.90 -19.00 -36.54
C ARG C 157 3.68 -20.30 -36.66
N GLY C 158 4.94 -20.28 -36.24
CA GLY C 158 5.76 -21.50 -36.17
C GLY C 158 5.15 -22.54 -35.25
N LEU C 159 4.73 -22.11 -34.06
CA LEU C 159 4.18 -23.06 -33.10
C LEU C 159 2.90 -23.65 -33.61
N SER C 160 2.11 -22.85 -34.30
CA SER C 160 0.82 -23.37 -34.78
C SER C 160 1.02 -24.47 -35.86
N ARG C 161 2.14 -24.40 -36.58
CA ARG C 161 2.51 -25.40 -37.61
C ARG C 161 3.18 -26.61 -36.99
N GLU C 162 3.98 -26.36 -35.98
CA GLU C 162 4.73 -27.44 -35.40
C GLU C 162 4.99 -27.18 -33.93
N PRO C 163 4.32 -27.94 -33.06
CA PRO C 163 4.53 -27.78 -31.61
C PRO C 163 6.00 -28.00 -31.23
N LEU C 164 6.53 -27.16 -30.35
CA LEU C 164 7.90 -27.33 -29.87
C LEU C 164 7.96 -28.49 -28.90
N ARG C 165 8.83 -29.46 -29.19
CA ARG C 165 8.95 -30.71 -28.43
C ARG C 165 9.37 -30.51 -26.95
N THR C 166 10.47 -29.77 -26.75
CA THR C 166 11.07 -29.57 -25.42
C THR C 166 11.27 -28.07 -25.11
N GLY C 167 11.03 -27.68 -23.86
CA GLY C 167 11.17 -26.29 -23.46
C GLY C 167 9.79 -25.67 -23.30
N ARG C 168 9.47 -25.23 -22.07
CA ARG C 168 8.12 -24.80 -21.79
C ARG C 168 8.00 -23.28 -21.71
N ILE C 169 9.14 -22.59 -21.66
CA ILE C 169 9.17 -21.14 -21.62
C ILE C 169 10.27 -20.66 -22.56
N LEU C 170 9.94 -19.72 -23.46
CA LEU C 170 10.97 -19.12 -24.30
C LEU C 170 11.11 -17.63 -23.94
N ASN C 171 12.30 -17.23 -23.56
CA ASN C 171 12.60 -15.85 -23.26
C ASN C 171 13.18 -15.16 -24.46
N VAL C 172 12.40 -14.27 -25.03
CA VAL C 172 12.76 -13.66 -26.29
C VAL C 172 13.14 -12.21 -26.07
N ASN C 173 14.36 -11.87 -26.45
CA ASN C 173 14.77 -10.46 -26.44
C ASN C 173 15.01 -9.94 -27.84
N VAL C 174 14.37 -8.82 -28.16
CA VAL C 174 14.41 -8.30 -29.52
C VAL C 174 15.20 -6.98 -29.54
N PRO C 175 16.21 -6.86 -30.43
CA PRO C 175 17.02 -5.62 -30.55
C PRO C 175 16.10 -4.48 -30.92
N ASP C 176 16.40 -3.26 -30.44
CA ASP C 176 15.53 -2.13 -30.71
C ASP C 176 15.91 -1.49 -32.05
N LEU C 177 15.57 -2.18 -33.12
CA LEU C 177 16.00 -1.84 -34.46
C LEU C 177 14.83 -1.98 -35.40
N PRO C 178 14.88 -1.26 -36.55
CA PRO C 178 13.89 -1.56 -37.59
C PRO C 178 14.08 -3.02 -37.98
N LEU C 179 12.96 -3.69 -38.28
CA LEU C 179 12.99 -5.13 -38.57
C LEU C 179 14.03 -5.48 -39.62
N ALA C 180 14.17 -4.60 -40.62
CA ALA C 180 15.11 -4.88 -41.71
C ALA C 180 16.54 -4.95 -41.23
N GLN C 181 16.84 -4.30 -40.10
CA GLN C 181 18.18 -4.35 -39.53
C GLN C 181 18.45 -5.50 -38.56
N VAL C 182 17.41 -6.23 -38.17
CA VAL C 182 17.64 -7.39 -37.30
C VAL C 182 18.38 -8.48 -38.09
N LYS C 183 19.44 -9.05 -37.51
CA LYS C 183 20.35 -9.92 -38.28
C LYS C 183 19.90 -11.35 -38.38
N GLY C 184 19.06 -11.79 -37.45
CA GLY C 184 18.48 -13.13 -37.48
C GLY C 184 18.13 -13.50 -36.04
N ILE C 185 18.28 -14.78 -35.71
CA ILE C 185 17.92 -15.31 -34.38
C ILE C 185 19.04 -16.24 -33.87
N ARG C 186 19.23 -16.27 -32.54
CA ARG C 186 20.20 -17.14 -31.91
C ARG C 186 19.52 -17.77 -30.71
N VAL C 187 19.75 -19.07 -30.52
CA VAL C 187 19.37 -19.73 -29.30
C VAL C 187 20.54 -19.52 -28.33
N THR C 188 20.24 -19.02 -27.13
CA THR C 188 21.29 -18.50 -26.26
C THR C 188 21.12 -19.07 -24.85
N ARG C 189 22.11 -18.82 -23.99
CA ARG C 189 21.92 -19.09 -22.55
C ARG C 189 21.96 -17.74 -21.84
N CYS C 190 21.41 -17.68 -20.63
CA CYS C 190 21.48 -16.46 -19.84
C CYS C 190 22.90 -16.16 -19.45
N GLY C 191 23.32 -14.92 -19.69
CA GLY C 191 24.60 -14.44 -19.16
C GLY C 191 24.44 -14.05 -17.70
N SER C 192 25.43 -13.37 -17.17
CA SER C 192 25.39 -12.98 -15.75
C SER C 192 26.09 -11.65 -15.55
N ARG C 193 25.80 -11.06 -14.41
CA ARG C 193 26.40 -9.79 -14.01
C ARG C 193 27.18 -9.99 -12.72
N HIS C 194 28.14 -9.09 -12.47
CA HIS C 194 28.73 -8.98 -11.14
C HIS C 194 27.66 -8.61 -10.15
N PRO C 195 27.87 -8.91 -8.86
CA PRO C 195 26.83 -8.57 -7.89
C PRO C 195 26.59 -7.06 -7.91
N ALA C 196 25.32 -6.66 -7.86
CA ALA C 196 24.96 -5.26 -7.71
C ALA C 196 25.27 -4.87 -6.28
N ASP C 197 25.76 -3.65 -6.06
CA ASP C 197 26.13 -3.22 -4.72
C ASP C 197 25.98 -1.73 -4.50
N LYS C 198 25.18 -1.07 -5.34
CA LYS C 198 24.96 0.36 -5.14
C LYS C 198 23.62 0.59 -4.46
N VAL C 199 23.66 1.41 -3.42
CA VAL C 199 22.46 1.95 -2.78
C VAL C 199 22.58 3.46 -2.90
N ILE C 200 21.47 4.13 -3.24
CA ILE C 200 21.44 5.58 -3.34
C ILE C 200 20.62 6.16 -2.18
N PRO C 201 21.30 6.70 -1.14
CA PRO C 201 20.60 7.27 0.01
C PRO C 201 20.06 8.68 -0.33
N GLN C 202 18.87 9.01 0.16
CA GLN C 202 18.32 10.37 0.01
C GLN C 202 17.55 10.73 1.25
N GLU C 203 17.88 11.89 1.82
CA GLU C 203 17.24 12.31 3.03
C GLU C 203 15.85 12.88 2.79
N ASP C 204 14.92 12.55 3.68
CA ASP C 204 13.59 13.15 3.62
C ASP C 204 13.65 14.56 4.25
N PRO C 205 12.53 15.29 4.27
CA PRO C 205 12.68 16.66 4.80
C PRO C 205 12.91 16.75 6.30
N ARG C 206 12.79 15.64 7.04
CA ARG C 206 13.04 15.64 8.47
C ARG C 206 14.43 15.10 8.75
N GLY C 207 15.20 14.86 7.67
CA GLY C 207 16.59 14.41 7.80
C GLY C 207 16.77 12.90 7.92
N ASN C 208 15.68 12.14 7.81
CA ASN C 208 15.76 10.67 7.80
C ASN C 208 16.33 10.19 6.47
N THR C 209 17.22 9.19 6.51
CA THR C 209 17.80 8.64 5.27
C THR C 209 16.88 7.53 4.75
N LEU C 210 16.47 7.68 3.50
CA LEU C 210 15.76 6.65 2.77
C LEU C 210 16.69 6.07 1.70
N TYR C 211 16.39 4.88 1.20
CA TYR C 211 17.36 4.18 0.34
C TYR C 211 16.75 3.72 -0.97
N TRP C 212 17.39 4.10 -2.07
CA TRP C 212 17.03 3.61 -3.40
C TRP C 212 17.90 2.47 -3.78
N ILE C 213 17.31 1.46 -4.41
CA ILE C 213 18.12 0.37 -4.99
C ILE C 213 18.88 0.87 -6.21
N GLY C 214 20.20 0.67 -6.21
CA GLY C 214 21.05 1.10 -7.32
C GLY C 214 20.93 0.27 -8.60
N PRO C 215 21.71 0.66 -9.62
CA PRO C 215 21.72 -0.06 -10.91
C PRO C 215 22.31 -1.48 -10.83
N PRO C 216 22.04 -2.33 -11.85
CA PRO C 216 22.61 -3.68 -11.88
C PRO C 216 24.13 -3.66 -11.87
N GLY C 217 24.76 -4.77 -11.47
CA GLY C 217 26.20 -4.90 -11.54
C GLY C 217 26.67 -4.90 -12.99
N ASP C 218 27.97 -4.71 -13.22
CA ASP C 218 28.49 -4.78 -14.59
C ASP C 218 28.36 -6.21 -15.13
N LYS C 219 28.31 -6.32 -16.45
CA LYS C 219 28.25 -7.64 -17.10
C LYS C 219 29.48 -8.45 -16.72
N TYR C 220 29.25 -9.72 -16.38
CA TYR C 220 30.36 -10.61 -16.11
C TYR C 220 30.48 -11.63 -17.24
N ASP C 221 29.52 -12.55 -17.33
CA ASP C 221 29.42 -13.51 -18.42
C ASP C 221 28.53 -12.95 -19.56
N ALA C 222 29.15 -12.35 -20.57
CA ALA C 222 28.41 -11.80 -21.71
C ALA C 222 29.07 -12.11 -23.06
N GLY C 223 29.74 -13.26 -23.13
CA GLY C 223 30.42 -13.67 -24.36
C GLY C 223 29.52 -14.38 -25.36
N PRO C 224 30.14 -15.07 -26.34
CA PRO C 224 29.46 -15.49 -27.57
C PRO C 224 28.13 -16.27 -27.52
N ASP C 225 27.99 -17.18 -26.56
N ASP C 225 27.97 -17.23 -26.61
CA ASP C 225 26.78 -18.01 -26.45
CA ASP C 225 26.69 -17.96 -26.56
C ASP C 225 25.65 -17.35 -25.62
C ASP C 225 25.62 -17.32 -25.65
N THR C 226 25.91 -16.15 -25.11
CA THR C 226 24.97 -15.53 -24.15
C THR C 226 23.89 -14.70 -24.82
N ASP C 227 22.79 -14.50 -24.08
CA ASP C 227 21.74 -13.63 -24.53
C ASP C 227 22.20 -12.19 -24.72
N PHE C 228 23.03 -11.70 -23.79
CA PHE C 228 23.66 -10.37 -23.90
C PHE C 228 24.32 -10.14 -25.27
N ALA C 229 25.18 -11.08 -25.66
CA ALA C 229 25.98 -11.00 -26.89
C ALA C 229 25.08 -11.00 -28.11
N ALA C 230 24.09 -11.87 -28.13
CA ALA C 230 23.18 -11.93 -29.26
C ALA C 230 22.48 -10.60 -29.50
N VAL C 231 21.85 -10.02 -28.46
CA VAL C 231 21.19 -8.75 -28.61
C VAL C 231 22.17 -7.63 -29.00
N ASP C 232 23.36 -7.60 -28.39
CA ASP C 232 24.35 -6.55 -28.70
C ASP C 232 24.76 -6.56 -30.17
N GLU C 233 24.81 -7.77 -30.74
CA GLU C 233 25.20 -7.98 -32.13
C GLU C 233 24.05 -7.85 -33.14
N GLY C 234 22.85 -7.55 -32.66
CA GLY C 234 21.67 -7.31 -33.48
C GLY C 234 20.81 -8.52 -33.83
N TYR C 235 20.94 -9.59 -33.05
CA TYR C 235 20.09 -10.76 -33.23
C TYR C 235 18.99 -10.79 -32.18
N VAL C 236 17.85 -11.38 -32.55
CA VAL C 236 16.87 -11.83 -31.57
C VAL C 236 17.52 -12.93 -30.74
N SER C 237 17.38 -12.83 -29.41
CA SER C 237 17.85 -13.89 -28.52
C SER C 237 16.67 -14.72 -28.03
N VAL C 238 16.81 -16.05 -28.06
CA VAL C 238 15.79 -16.97 -27.58
C VAL C 238 16.48 -17.89 -26.60
N THR C 239 16.14 -17.74 -25.32
CA THR C 239 16.66 -18.67 -24.32
C THR C 239 15.52 -19.50 -23.78
N PRO C 240 15.65 -20.83 -23.86
CA PRO C 240 14.65 -21.65 -23.19
C PRO C 240 14.89 -21.58 -21.68
N LEU C 241 13.82 -21.32 -20.90
CA LEU C 241 13.90 -21.33 -19.44
C LEU C 241 13.17 -22.47 -18.80
N HIS C 242 13.54 -22.77 -17.54
CA HIS C 242 12.73 -23.67 -16.73
C HIS C 242 12.66 -23.14 -15.32
N VAL C 243 11.85 -23.76 -14.49
CA VAL C 243 11.61 -23.29 -13.11
C VAL C 243 12.43 -24.06 -12.07
N ASP C 244 13.14 -25.10 -12.48
CA ASP C 244 13.89 -25.95 -11.55
C ASP C 244 15.17 -25.22 -11.18
N LEU C 245 15.24 -24.75 -9.93
CA LEU C 245 16.42 -23.99 -9.49
C LEU C 245 17.56 -24.88 -8.94
N THR C 246 17.39 -26.20 -8.98
CA THR C 246 18.46 -27.08 -8.48
C THR C 246 19.78 -26.86 -9.19
N ALA C 247 20.84 -26.67 -8.40
CA ALA C 247 22.20 -26.62 -8.92
C ALA C 247 22.72 -28.07 -8.88
N HIS C 248 22.31 -28.87 -9.87
CA HIS C 248 22.54 -30.31 -9.86
C HIS C 248 24.00 -30.66 -9.75
N SER C 249 24.86 -29.84 -10.32
CA SER C 249 26.28 -30.18 -10.30
C SER C 249 26.94 -30.03 -8.91
N ALA C 250 26.29 -29.34 -7.97
CA ALA C 250 26.81 -29.21 -6.61
C ALA C 250 26.47 -30.41 -5.71
N HIS C 251 25.70 -31.35 -6.22
CA HIS C 251 25.13 -32.40 -5.38
C HIS C 251 26.14 -33.17 -4.57
N ASP C 252 27.17 -33.71 -5.22
CA ASP C 252 28.13 -34.56 -4.49
C ASP C 252 29.03 -33.75 -3.54
N VAL C 253 29.40 -32.55 -3.94
CA VAL C 253 30.16 -31.64 -3.09
C VAL C 253 29.41 -31.36 -1.78
N VAL C 254 28.11 -31.09 -1.89
CA VAL C 254 27.32 -30.80 -0.70
C VAL C 254 27.14 -32.06 0.13
N SER C 255 26.88 -33.19 -0.51
CA SER C 255 26.77 -34.45 0.21
C SER C 255 28.06 -34.79 0.99
N ASP C 256 29.21 -34.65 0.34
CA ASP C 256 30.50 -34.97 0.97
C ASP C 256 30.84 -33.98 2.10
N TRP C 257 30.45 -32.72 1.91
CA TRP C 257 30.63 -31.69 2.92
C TRP C 257 29.87 -32.03 4.19
N LEU C 258 28.58 -32.37 4.05
CA LEU C 258 27.75 -32.71 5.22
C LEU C 258 28.38 -33.85 6.02
N ASP C 259 28.78 -34.90 5.31
CA ASP C 259 29.46 -36.05 5.94
C ASP C 259 30.72 -35.65 6.65
N SER C 260 31.49 -34.78 6.02
CA SER C 260 32.75 -34.30 6.55
C SER C 260 32.61 -33.49 7.85
N VAL C 261 31.65 -32.54 7.90
CA VAL C 261 31.41 -31.76 9.11
C VAL C 261 30.51 -32.47 10.12
N GLY C 262 29.94 -33.62 9.73
CA GLY C 262 29.13 -34.45 10.63
C GLY C 262 27.72 -33.93 10.83
N VAL C 263 27.23 -33.15 9.87
CA VAL C 263 25.87 -32.57 10.02
C VAL C 263 24.85 -33.56 9.45
N GLY C 264 23.90 -33.94 10.30
CA GLY C 264 22.85 -34.87 9.95
C GLY C 264 23.19 -36.32 10.16
N THR C 265 24.42 -36.58 10.62
CA THR C 265 24.91 -37.95 10.89
C THR C 265 25.56 -38.01 12.28
N GLN C 266 25.44 -39.16 12.94
CA GLN C 266 26.10 -39.36 14.24
C GLN C 266 27.61 -39.60 14.07
N TRP C 267 28.01 -40.00 12.87
CA TRP C 267 29.38 -40.45 12.63
C TRP C 267 30.08 -39.63 11.61
N SER D 14 33.90 -13.97 15.53
CA SER D 14 32.47 -14.40 15.47
C SER D 14 31.90 -14.18 14.07
N MET D 15 31.19 -15.18 13.56
CA MET D 15 30.50 -15.07 12.27
C MET D 15 29.43 -13.97 12.32
N ARG D 16 29.39 -13.11 11.30
CA ARG D 16 28.44 -12.01 11.22
C ARG D 16 27.30 -12.44 10.28
N ILE D 17 26.10 -12.54 10.85
CA ILE D 17 24.97 -13.09 10.12
C ILE D 17 23.95 -11.96 9.88
N LEU D 18 23.53 -11.82 8.63
CA LEU D 18 22.36 -11.02 8.29
C LEU D 18 21.20 -11.98 8.25
N LEU D 19 20.24 -11.79 9.13
CA LEU D 19 19.10 -12.69 9.27
C LEU D 19 17.85 -12.02 8.71
N SER D 20 17.21 -12.67 7.74
CA SER D 20 16.00 -12.10 7.14
C SER D 20 14.91 -13.17 7.05
N ASN D 21 13.76 -12.86 6.48
CA ASN D 21 12.74 -13.86 6.26
C ASN D 21 11.73 -13.21 5.30
N ASP D 22 10.59 -13.87 5.10
CA ASP D 22 9.49 -13.13 4.49
C ASP D 22 8.19 -13.17 5.27
N ASP D 23 8.20 -13.83 6.42
CA ASP D 23 7.01 -13.86 7.27
C ASP D 23 6.88 -12.56 8.04
N GLY D 24 7.92 -11.77 7.99
CA GLY D 24 8.00 -10.49 8.68
C GLY D 24 8.82 -10.53 9.99
N VAL D 25 9.30 -9.37 10.38
CA VAL D 25 10.15 -9.18 11.56
C VAL D 25 9.57 -9.73 12.90
N HIS D 26 8.25 -9.78 13.02
CA HIS D 26 7.59 -10.27 14.26
C HIS D 26 7.25 -11.74 14.26
N ALA D 27 7.61 -12.47 13.21
CA ALA D 27 7.23 -13.86 13.07
C ALA D 27 8.03 -14.71 14.08
N PRO D 28 7.38 -15.75 14.63
CA PRO D 28 8.06 -16.62 15.60
C PRO D 28 9.24 -17.35 14.97
N GLY D 29 9.15 -17.71 13.69
CA GLY D 29 10.26 -18.38 12.99
C GLY D 29 11.57 -17.60 13.02
N ILE D 30 11.50 -16.33 12.64
CA ILE D 30 12.71 -15.52 12.62
C ILE D 30 13.19 -15.18 14.04
N GLN D 31 12.25 -14.95 14.95
CA GLN D 31 12.61 -14.61 16.32
C GLN D 31 13.22 -15.81 17.06
N THR D 32 12.65 -17.00 16.86
CA THR D 32 13.20 -18.23 17.43
C THR D 32 14.64 -18.43 16.92
N LEU D 33 14.81 -18.24 15.61
CA LEU D 33 16.13 -18.41 15.02
C LEU D 33 17.15 -17.38 15.48
N ALA D 34 16.72 -16.13 15.62
CA ALA D 34 17.59 -15.05 16.08
C ALA D 34 18.15 -15.39 17.48
N LYS D 35 17.27 -15.87 18.35
CA LYS D 35 17.65 -16.23 19.72
C LYS D 35 18.73 -17.32 19.71
N ALA D 36 18.53 -18.33 18.88
CA ALA D 36 19.51 -19.44 18.78
C ALA D 36 20.84 -18.95 18.22
N LEU D 37 20.81 -18.15 17.17
CA LEU D 37 22.04 -17.70 16.53
C LEU D 37 22.85 -16.73 17.37
N ARG D 38 22.18 -15.94 18.20
CA ARG D 38 22.87 -14.96 19.04
C ARG D 38 23.79 -15.61 20.08
N GLU D 39 23.53 -16.87 20.38
CA GLU D 39 24.38 -17.61 21.32
C GLU D 39 25.81 -17.72 20.80
N PHE D 40 26.00 -17.80 19.48
CA PHE D 40 27.36 -17.95 18.93
C PHE D 40 27.78 -16.98 17.83
N ALA D 41 26.81 -16.26 17.23
CA ALA D 41 27.15 -15.32 16.16
C ALA D 41 26.71 -13.90 16.48
N ASP D 42 27.28 -12.95 15.75
CA ASP D 42 26.79 -11.58 15.74
C ASP D 42 25.69 -11.49 14.69
N VAL D 43 24.47 -11.18 15.13
CA VAL D 43 23.30 -11.29 14.24
C VAL D 43 22.71 -9.91 14.05
N GLN D 44 22.41 -9.53 12.80
CA GLN D 44 21.57 -8.35 12.55
C GLN D 44 20.33 -8.81 11.79
N VAL D 45 19.13 -8.54 12.34
CA VAL D 45 17.87 -8.85 11.63
C VAL D 45 17.53 -7.68 10.71
N VAL D 46 17.29 -7.99 9.43
CA VAL D 46 16.72 -6.99 8.52
C VAL D 46 15.66 -7.74 7.76
N ALA D 47 14.39 -7.41 8.02
CA ALA D 47 13.27 -8.25 7.52
C ALA D 47 12.08 -7.34 7.16
N PRO D 48 11.11 -7.88 6.43
CA PRO D 48 9.91 -7.07 6.07
C PRO D 48 9.11 -6.68 7.31
N ASP D 49 8.39 -5.57 7.23
CA ASP D 49 7.57 -5.16 8.35
C ASP D 49 6.30 -5.98 8.55
N ARG D 50 5.97 -6.84 7.60
CA ARG D 50 4.74 -7.63 7.65
C ARG D 50 4.96 -8.92 6.87
N ASN D 51 4.00 -9.83 6.95
CA ASN D 51 4.05 -11.06 6.17
C ASN D 51 4.00 -10.82 4.67
N ARG D 52 5.12 -11.09 4.00
CA ARG D 52 5.24 -10.92 2.55
C ARG D 52 5.40 -12.29 1.88
N SER D 53 4.77 -13.32 2.45
CA SER D 53 4.80 -14.65 1.81
C SER D 53 4.31 -14.52 0.37
N GLY D 54 5.01 -15.20 -0.53
CA GLY D 54 4.69 -15.14 -1.98
C GLY D 54 5.39 -14.01 -2.69
N ALA D 55 6.28 -13.30 -1.99
CA ALA D 55 6.91 -12.12 -2.60
C ALA D 55 7.93 -12.47 -3.66
N SER D 56 8.36 -13.74 -3.69
CA SER D 56 9.35 -14.19 -4.66
C SER D 56 10.55 -13.23 -4.62
N ASN D 57 11.16 -12.97 -5.77
CA ASN D 57 12.31 -12.08 -5.86
C ASN D 57 11.90 -10.67 -6.24
N SER D 58 10.68 -10.27 -5.87
CA SER D 58 10.25 -8.89 -6.19
C SER D 58 11.13 -7.84 -5.45
N LEU D 59 11.27 -6.69 -6.08
CA LEU D 59 12.00 -5.63 -5.40
C LEU D 59 11.43 -4.26 -5.71
N THR D 60 11.84 -3.29 -4.89
CA THR D 60 11.24 -1.97 -4.96
C THR D 60 12.17 -1.06 -5.72
N LEU D 61 11.72 -0.63 -6.91
CA LEU D 61 12.55 0.15 -7.80
C LEU D 61 12.07 1.58 -7.99
N GLU D 62 10.77 1.79 -7.93
N GLU D 62 10.77 1.79 -7.94
CA GLU D 62 10.26 3.12 -8.27
CA GLU D 62 10.27 3.12 -8.28
C GLU D 62 9.93 3.98 -7.05
C GLU D 62 10.11 4.04 -7.07
N SER D 63 10.35 3.50 -5.88
CA SER D 63 10.34 4.28 -4.63
CA SER D 63 10.39 4.32 -4.67
C SER D 63 11.59 3.99 -3.80
N SER D 64 11.92 4.92 -2.92
CA SER D 64 12.95 4.69 -1.93
C SER D 64 12.30 3.90 -0.81
N LEU D 65 13.14 3.33 0.05
CA LEU D 65 12.72 2.50 1.16
C LEU D 65 13.11 3.11 2.49
N ARG D 66 12.15 3.10 3.41
CA ARG D 66 12.31 3.61 4.78
C ARG D 66 12.55 2.41 5.69
N THR D 67 13.46 2.55 6.65
CA THR D 67 13.62 1.51 7.67
C THR D 67 13.03 1.95 9.01
N PHE D 68 12.77 0.98 9.86
CA PHE D 68 12.31 1.24 11.25
C PHE D 68 13.14 0.32 12.12
N THR D 69 13.78 0.90 13.15
CA THR D 69 14.58 0.10 14.10
C THR D 69 13.86 -0.09 15.43
N PHE D 70 13.80 -1.33 15.86
CA PHE D 70 13.16 -1.68 17.11
C PHE D 70 14.11 -1.48 18.29
N ASP D 71 13.51 -1.50 19.49
CA ASP D 71 14.28 -1.35 20.73
C ASP D 71 15.46 -2.31 20.78
N ASN D 72 15.23 -3.57 20.38
CA ASN D 72 16.26 -4.61 20.40
C ASN D 72 17.28 -4.57 19.26
N GLY D 73 17.16 -3.59 18.36
CA GLY D 73 18.11 -3.44 17.27
C GLY D 73 17.67 -4.05 15.94
N ASP D 74 16.62 -4.89 15.98
CA ASP D 74 16.05 -5.45 14.74
C ASP D 74 15.64 -4.31 13.82
N ILE D 75 15.85 -4.51 12.52
CA ILE D 75 15.42 -3.53 11.52
C ILE D 75 14.34 -4.12 10.66
N ALA D 76 13.23 -3.37 10.48
CA ALA D 76 12.25 -3.76 9.45
C ALA D 76 12.44 -2.79 8.32
N VAL D 77 12.30 -3.28 7.10
CA VAL D 77 12.22 -2.35 5.97
C VAL D 77 10.74 -2.13 5.70
N GLN D 78 10.32 -0.86 5.79
N GLN D 78 10.29 -0.88 5.86
CA GLN D 78 8.89 -0.52 5.60
CA GLN D 78 8.87 -0.57 5.67
C GLN D 78 8.45 -0.78 4.17
C GLN D 78 8.49 -0.84 4.21
N MET D 79 7.44 -1.63 4.02
CA MET D 79 6.95 -2.09 2.69
C MET D 79 8.04 -2.84 1.93
N GLY D 80 9.11 -3.23 2.64
CA GLY D 80 10.22 -3.91 1.97
C GLY D 80 9.95 -5.35 1.63
N THR D 81 10.40 -5.76 0.45
CA THR D 81 10.33 -7.18 0.10
C THR D 81 11.55 -7.86 0.70
N PRO D 82 11.53 -9.20 0.76
CA PRO D 82 12.72 -9.90 1.31
C PRO D 82 13.98 -9.60 0.53
N THR D 83 13.90 -9.50 -0.81
CA THR D 83 15.08 -9.12 -1.58
C THR D 83 15.53 -7.70 -1.21
N ASP D 84 14.58 -6.76 -1.08
CA ASP D 84 14.90 -5.39 -0.61
C ASP D 84 15.69 -5.44 0.66
N CYS D 85 15.22 -6.26 1.60
CA CYS D 85 15.78 -6.33 2.94
C CYS D 85 17.23 -6.79 2.89
N VAL D 86 17.47 -7.84 2.13
CA VAL D 86 18.85 -8.38 2.11
C VAL D 86 19.77 -7.44 1.31
N TYR D 87 19.26 -6.89 0.20
CA TYR D 87 20.01 -5.94 -0.60
C TYR D 87 20.45 -4.76 0.24
N LEU D 88 19.50 -4.18 0.99
CA LEU D 88 19.86 -3.08 1.89
C LEU D 88 20.77 -3.51 3.02
N GLY D 89 20.50 -4.67 3.62
CA GLY D 89 21.28 -5.16 4.75
C GLY D 89 22.73 -5.39 4.36
N VAL D 90 22.95 -6.04 3.21
CA VAL D 90 24.33 -6.31 2.73
C VAL D 90 25.06 -5.02 2.31
N ASN D 91 24.37 -4.16 1.58
CA ASN D 91 25.04 -3.05 0.90
C ASN D 91 24.98 -1.70 1.59
N ALA D 92 24.16 -1.58 2.64
CA ALA D 92 24.08 -0.30 3.36
C ALA D 92 23.91 -0.42 4.87
N LEU D 93 23.06 -1.33 5.34
CA LEU D 93 22.65 -1.27 6.75
C LEU D 93 23.61 -1.95 7.72
N MET D 94 24.36 -2.94 7.24
CA MET D 94 25.33 -3.64 8.07
C MET D 94 26.76 -3.24 7.82
N ARG D 95 27.41 -2.83 8.91
CA ARG D 95 28.81 -2.48 8.94
C ARG D 95 29.42 -3.09 10.21
N PRO D 96 30.46 -3.93 10.07
CA PRO D 96 30.91 -4.39 8.75
C PRO D 96 29.89 -5.38 8.15
N ARG D 97 30.04 -5.61 6.86
CA ARG D 97 29.15 -6.46 6.07
C ARG D 97 29.04 -7.88 6.65
N PRO D 98 27.92 -8.57 6.38
CA PRO D 98 27.74 -9.92 6.89
C PRO D 98 28.68 -10.89 6.19
N ASP D 99 28.99 -11.99 6.86
CA ASP D 99 29.71 -13.15 6.28
C ASP D 99 28.73 -14.06 5.51
N ILE D 100 27.45 -13.99 5.91
CA ILE D 100 26.42 -14.92 5.45
C ILE D 100 25.02 -14.32 5.62
N VAL D 101 24.13 -14.70 4.70
CA VAL D 101 22.69 -14.47 4.87
C VAL D 101 22.00 -15.77 5.25
N VAL D 102 21.20 -15.71 6.31
CA VAL D 102 20.29 -16.78 6.68
C VAL D 102 18.88 -16.18 6.56
N SER D 103 17.99 -16.95 5.93
CA SER D 103 16.60 -16.53 5.73
C SER D 103 15.66 -17.56 6.28
N GLY D 104 14.87 -17.17 7.28
CA GLY D 104 13.90 -18.11 7.87
C GLY D 104 13.77 -17.81 9.36
N ILE D 105 13.22 -18.73 10.15
CA ILE D 105 12.64 -19.99 9.69
C ILE D 105 11.23 -19.75 9.14
N ASN D 106 10.99 -20.16 7.91
CA ASN D 106 9.68 -19.93 7.30
C ASN D 106 8.62 -20.82 7.91
N ALA D 107 7.45 -20.24 8.12
CA ALA D 107 6.28 -21.01 8.50
C ALA D 107 5.68 -21.69 7.27
N GLY D 108 6.15 -22.88 6.96
CA GLY D 108 5.62 -23.59 5.81
C GLY D 108 6.75 -23.96 4.89
N PRO D 109 6.56 -25.04 4.12
CA PRO D 109 7.65 -25.52 3.27
C PRO D 109 7.88 -24.68 2.01
N ASN D 110 9.09 -24.79 1.46
CA ASN D 110 9.42 -24.22 0.18
C ASN D 110 10.09 -25.31 -0.62
N LEU D 111 9.24 -26.11 -1.25
CA LEU D 111 9.66 -27.34 -1.90
C LEU D 111 9.27 -27.35 -3.38
N GLY D 112 10.03 -28.11 -4.17
CA GLY D 112 9.67 -28.34 -5.57
C GLY D 112 9.73 -27.08 -6.40
N ASP D 113 8.74 -26.89 -7.25
CA ASP D 113 8.71 -25.70 -8.09
C ASP D 113 8.16 -24.48 -7.33
N ASP D 114 7.83 -24.63 -6.05
CA ASP D 114 7.41 -23.48 -5.25
C ASP D 114 8.56 -22.56 -4.98
N VAL D 115 9.78 -23.06 -5.10
CA VAL D 115 10.95 -22.26 -4.73
C VAL D 115 11.06 -20.93 -5.52
N ILE D 116 10.64 -20.91 -6.78
N ILE D 116 10.64 -20.88 -6.77
CA ILE D 116 10.67 -19.68 -7.58
CA ILE D 116 10.77 -19.64 -7.51
C ILE D 116 9.81 -18.58 -6.97
C ILE D 116 9.72 -18.57 -7.10
N TYR D 117 8.72 -18.97 -6.31
CA TYR D 117 7.75 -18.00 -5.77
C TYR D 117 8.15 -17.58 -4.36
N SER D 118 9.11 -18.27 -3.76
CA SER D 118 9.39 -18.12 -2.33
C SER D 118 10.19 -16.85 -2.01
N GLY D 119 9.63 -16.01 -1.15
CA GLY D 119 10.41 -14.87 -0.62
C GLY D 119 11.53 -15.30 0.33
N THR D 120 11.31 -16.40 1.06
CA THR D 120 12.36 -16.95 1.93
C THR D 120 13.60 -17.30 1.10
N VAL D 121 13.38 -18.01 0.01
CA VAL D 121 14.46 -18.39 -0.90
C VAL D 121 15.08 -17.16 -1.54
N ALA D 122 14.21 -16.22 -1.96
CA ALA D 122 14.74 -15.00 -2.52
C ALA D 122 15.69 -14.24 -1.63
N ALA D 123 15.39 -14.12 -0.34
CA ALA D 123 16.30 -13.42 0.56
C ALA D 123 17.69 -14.11 0.57
N ALA D 124 17.69 -15.45 0.64
CA ALA D 124 18.95 -16.22 0.57
C ALA D 124 19.68 -15.97 -0.76
N MET D 125 18.94 -16.03 -1.87
N MET D 125 18.94 -16.01 -1.86
CA MET D 125 19.51 -15.75 -3.19
CA MET D 125 19.52 -15.77 -3.17
C MET D 125 20.25 -14.41 -3.20
C MET D 125 20.19 -14.40 -3.28
N ALA D 126 19.67 -13.42 -2.53
CA ALA D 126 20.27 -12.08 -2.52
C ALA D 126 21.61 -12.05 -1.74
N GLY D 127 21.91 -13.10 -0.97
CA GLY D 127 23.20 -13.16 -0.25
C GLY D 127 24.13 -14.18 -0.88
N ARG D 128 23.83 -14.60 -2.10
CA ARG D 128 24.60 -15.67 -2.75
C ARG D 128 26.05 -15.31 -3.03
N HIS D 129 26.39 -14.03 -3.03
CA HIS D 129 27.75 -13.58 -3.38
C HIS D 129 28.65 -13.40 -2.19
N LEU D 130 28.20 -13.78 -1.00
CA LEU D 130 28.97 -13.56 0.20
C LEU D 130 29.98 -14.70 0.44
N GLY D 131 30.71 -14.60 1.55
CA GLY D 131 31.80 -15.54 1.87
C GLY D 131 31.33 -16.96 2.16
N PHE D 132 30.15 -17.09 2.73
CA PHE D 132 29.57 -18.39 2.97
C PHE D 132 28.32 -18.53 2.11
N PRO D 133 27.95 -19.78 1.77
CA PRO D 133 26.71 -19.97 1.01
C PRO D 133 25.51 -19.52 1.86
N ALA D 134 24.52 -18.88 1.23
CA ALA D 134 23.32 -18.43 1.97
C ALA D 134 22.43 -19.61 2.33
N LEU D 135 21.73 -19.54 3.46
CA LEU D 135 20.80 -20.59 3.84
C LEU D 135 19.39 -20.05 3.81
N ALA D 136 18.49 -20.79 3.16
CA ALA D 136 17.06 -20.53 3.29
C ALA D 136 16.54 -21.69 4.14
N VAL D 137 15.84 -21.39 5.22
CA VAL D 137 15.36 -22.44 6.12
C VAL D 137 13.84 -22.37 6.27
N SER D 138 13.16 -23.48 5.97
CA SER D 138 11.70 -23.56 5.99
C SER D 138 11.25 -24.74 6.79
N LEU D 139 10.26 -24.50 7.65
CA LEU D 139 9.68 -25.56 8.49
C LEU D 139 8.45 -26.07 7.79
N ASN D 140 8.28 -27.40 7.75
CA ASN D 140 7.11 -27.98 7.12
C ASN D 140 5.87 -27.94 8.02
N GLY D 141 5.54 -26.75 8.51
CA GLY D 141 4.48 -26.53 9.49
C GLY D 141 4.80 -25.36 10.38
N TYR D 142 4.18 -25.35 11.56
CA TYR D 142 4.17 -24.18 12.45
C TYR D 142 4.61 -24.57 13.86
N GLN D 143 4.82 -25.86 14.12
CA GLN D 143 5.05 -26.29 15.51
C GLN D 143 6.52 -26.20 15.92
N HIS D 144 7.36 -27.00 15.30
CA HIS D 144 8.70 -27.23 15.81
C HIS D 144 9.77 -26.31 15.28
N TYR D 145 9.61 -25.01 15.51
CA TYR D 145 10.70 -24.06 15.20
C TYR D 145 12.02 -24.44 15.86
N ASP D 146 11.98 -25.00 17.07
CA ASP D 146 13.22 -25.40 17.74
C ASP D 146 14.00 -26.42 16.92
N THR D 147 13.29 -27.33 16.28
CA THR D 147 13.91 -28.35 15.44
C THR D 147 14.66 -27.69 14.28
N ALA D 148 13.97 -26.78 13.58
CA ALA D 148 14.61 -26.04 12.49
C ALA D 148 15.77 -25.20 12.94
N ALA D 149 15.68 -24.61 14.14
CA ALA D 149 16.74 -23.78 14.65
C ALA D 149 17.99 -24.64 14.94
N ALA D 150 17.76 -25.83 15.49
CA ALA D 150 18.85 -26.79 15.79
C ALA D 150 19.56 -27.20 14.50
N VAL D 151 18.77 -27.47 13.47
CA VAL D 151 19.33 -27.85 12.16
C VAL D 151 20.18 -26.70 11.60
N THR D 152 19.66 -25.47 11.69
CA THR D 152 20.35 -24.34 11.13
C THR D 152 21.66 -24.09 11.85
N CYS D 153 21.65 -24.21 13.19
CA CYS D 153 22.84 -23.95 13.98
C CYS D 153 23.94 -24.97 13.66
N ALA D 154 23.53 -26.21 13.42
CA ALA D 154 24.46 -27.29 13.02
C ALA D 154 25.14 -26.99 11.69
N LEU D 155 24.36 -26.50 10.71
CA LEU D 155 24.91 -26.16 9.40
C LEU D 155 25.88 -25.03 9.52
N LEU D 156 25.51 -24.04 10.34
CA LEU D 156 26.39 -22.89 10.55
C LEU D 156 27.71 -23.26 11.23
N ARG D 157 27.64 -24.09 12.26
CA ARG D 157 28.84 -24.55 12.96
C ARG D 157 29.73 -25.31 11.98
N GLY D 158 29.10 -26.12 11.13
CA GLY D 158 29.80 -26.87 10.06
C GLY D 158 30.56 -25.95 9.12
N LEU D 159 29.87 -24.93 8.61
CA LEU D 159 30.52 -23.95 7.74
C LEU D 159 31.67 -23.21 8.42
N SER D 160 31.54 -22.95 9.71
CA SER D 160 32.59 -22.23 10.44
C SER D 160 33.87 -23.07 10.52
N ARG D 161 33.72 -24.39 10.43
CA ARG D 161 34.83 -25.33 10.55
C ARG D 161 35.46 -25.69 9.21
N GLU D 162 34.63 -25.86 8.19
CA GLU D 162 35.07 -26.28 6.88
C GLU D 162 34.22 -25.56 5.82
N PRO D 163 34.86 -24.71 4.99
CA PRO D 163 34.09 -23.99 3.97
C PRO D 163 33.41 -24.95 3.00
N LEU D 164 32.25 -24.57 2.47
CA LEU D 164 31.61 -25.36 1.42
C LEU D 164 32.13 -24.86 0.07
N ARG D 165 32.74 -25.76 -0.70
CA ARG D 165 33.43 -25.42 -1.98
C ARG D 165 32.51 -25.02 -3.13
N THR D 166 31.49 -25.83 -3.40
CA THR D 166 30.54 -25.59 -4.51
C THR D 166 29.14 -25.41 -3.94
N GLY D 167 28.39 -24.47 -4.50
CA GLY D 167 27.03 -24.23 -4.03
C GLY D 167 26.97 -22.92 -3.28
N ARG D 168 26.21 -21.98 -3.81
CA ARG D 168 26.16 -20.65 -3.23
C ARG D 168 24.89 -20.37 -2.40
N ILE D 169 23.87 -21.22 -2.60
CA ILE D 169 22.57 -21.17 -1.87
C ILE D 169 22.16 -22.58 -1.45
N LEU D 170 21.84 -22.78 -0.18
CA LEU D 170 21.28 -24.04 0.25
C LEU D 170 19.83 -23.86 0.69
N ASN D 171 18.93 -24.58 0.04
CA ASN D 171 17.51 -24.52 0.39
C ASN D 171 17.24 -25.68 1.34
N VAL D 172 16.96 -25.32 2.59
CA VAL D 172 16.83 -26.30 3.69
C VAL D 172 15.35 -26.39 4.11
N ASN D 173 14.77 -27.59 4.07
CA ASN D 173 13.42 -27.82 4.52
C ASN D 173 13.46 -28.84 5.65
N VAL D 174 12.84 -28.48 6.75
CA VAL D 174 12.89 -29.26 7.99
C VAL D 174 11.50 -29.86 8.28
N PRO D 175 11.44 -31.18 8.55
CA PRO D 175 10.15 -31.77 8.89
C PRO D 175 9.67 -31.14 10.19
N ASP D 176 8.35 -30.98 10.31
CA ASP D 176 7.78 -30.38 11.51
C ASP D 176 7.63 -31.46 12.58
N LEU D 177 8.77 -31.87 13.13
CA LEU D 177 8.81 -32.99 14.08
C LEU D 177 9.69 -32.59 15.22
N PRO D 178 9.46 -33.18 16.41
CA PRO D 178 10.47 -33.02 17.45
C PRO D 178 11.82 -33.53 16.92
N LEU D 179 12.90 -32.88 17.36
CA LEU D 179 14.23 -33.15 16.80
C LEU D 179 14.58 -34.63 16.85
N ALA D 180 14.21 -35.28 17.95
CA ALA D 180 14.50 -36.71 18.12
C ALA D 180 13.86 -37.60 17.05
N GLN D 181 12.78 -37.13 16.41
CA GLN D 181 12.11 -37.92 15.38
C GLN D 181 12.60 -37.62 13.98
N VAL D 182 13.46 -36.61 13.82
CA VAL D 182 14.01 -36.30 12.51
C VAL D 182 15.03 -37.39 12.19
N LYS D 183 14.93 -37.99 11.01
CA LYS D 183 15.69 -39.20 10.71
C LYS D 183 17.14 -38.95 10.30
N GLY D 184 17.41 -37.75 9.78
CA GLY D 184 18.72 -37.45 9.27
C GLY D 184 18.56 -36.34 8.24
N ILE D 185 19.48 -36.34 7.29
CA ILE D 185 19.55 -35.31 6.25
C ILE D 185 19.72 -35.98 4.90
N ARG D 186 19.20 -35.33 3.87
CA ARG D 186 19.46 -35.82 2.52
C ARG D 186 19.73 -34.63 1.63
N VAL D 187 20.68 -34.80 0.72
CA VAL D 187 20.88 -33.82 -0.35
C VAL D 187 19.91 -34.21 -1.45
N THR D 188 19.15 -33.24 -1.94
CA THR D 188 18.01 -33.56 -2.78
C THR D 188 17.98 -32.65 -4.00
N ARG D 189 17.10 -32.97 -4.95
CA ARG D 189 16.80 -32.04 -6.06
C ARG D 189 15.35 -31.58 -5.90
N CYS D 190 15.01 -30.41 -6.45
CA CYS D 190 13.64 -29.92 -6.35
C CYS D 190 12.70 -30.82 -7.14
N GLY D 191 11.61 -31.24 -6.51
CA GLY D 191 10.58 -31.99 -7.22
C GLY D 191 9.68 -31.01 -7.98
N SER D 192 8.45 -31.43 -8.27
CA SER D 192 7.51 -30.53 -8.94
C SER D 192 6.08 -30.90 -8.62
N ARG D 193 5.19 -29.95 -8.81
CA ARG D 193 3.78 -30.16 -8.57
C ARG D 193 3.03 -30.16 -9.89
N HIS D 194 1.85 -30.78 -9.89
CA HIS D 194 0.83 -30.51 -10.91
C HIS D 194 0.49 -29.05 -10.91
N PRO D 195 -0.03 -28.54 -12.03
CA PRO D 195 -0.35 -27.12 -12.14
C PRO D 195 -1.39 -26.74 -11.08
N ALA D 196 -1.19 -25.63 -10.37
CA ALA D 196 -2.24 -25.11 -9.49
C ALA D 196 -3.40 -24.62 -10.35
N ASP D 197 -4.63 -24.92 -9.95
CA ASP D 197 -5.78 -24.53 -10.76
C ASP D 197 -6.94 -23.88 -10.00
N LYS D 198 -6.88 -23.87 -8.67
CA LYS D 198 -8.02 -23.43 -7.89
C LYS D 198 -8.01 -21.91 -7.75
N VAL D 199 -9.18 -21.30 -7.99
CA VAL D 199 -9.40 -19.87 -7.72
C VAL D 199 -10.59 -19.86 -6.77
N ILE D 200 -10.50 -19.11 -5.67
CA ILE D 200 -11.59 -19.14 -4.68
C ILE D 200 -12.30 -17.79 -4.73
N PRO D 201 -13.54 -17.77 -5.23
CA PRO D 201 -14.25 -16.50 -5.34
C PRO D 201 -14.85 -16.14 -4.00
N GLN D 202 -15.00 -14.85 -3.75
CA GLN D 202 -15.57 -14.37 -2.50
C GLN D 202 -16.13 -12.99 -2.83
N GLU D 203 -17.45 -12.85 -2.74
CA GLU D 203 -18.11 -11.59 -3.00
C GLU D 203 -17.84 -10.57 -1.88
N ASP D 204 -17.55 -9.34 -2.29
CA ASP D 204 -17.37 -8.24 -1.36
C ASP D 204 -18.78 -7.79 -0.87
N PRO D 205 -18.86 -6.89 0.13
CA PRO D 205 -20.20 -6.52 0.65
C PRO D 205 -21.13 -5.85 -0.37
N ARG D 206 -20.58 -5.31 -1.46
CA ARG D 206 -21.40 -4.72 -2.50
C ARG D 206 -21.79 -5.76 -3.57
N GLY D 207 -21.42 -7.03 -3.36
CA GLY D 207 -21.71 -8.09 -4.33
C GLY D 207 -20.73 -8.32 -5.48
N ASN D 208 -19.62 -7.58 -5.53
CA ASN D 208 -18.58 -7.77 -6.56
C ASN D 208 -17.73 -9.00 -6.24
N THR D 209 -17.43 -9.82 -7.26
CA THR D 209 -16.72 -11.06 -7.02
C THR D 209 -15.21 -10.75 -6.97
N LEU D 210 -14.57 -11.06 -5.85
CA LEU D 210 -13.11 -10.95 -5.73
C LEU D 210 -12.54 -12.35 -5.80
N TYR D 211 -11.28 -12.49 -6.18
CA TYR D 211 -10.70 -13.83 -6.35
C TYR D 211 -9.46 -14.10 -5.50
N TRP D 212 -9.48 -15.20 -4.78
CA TRP D 212 -8.29 -15.65 -4.06
C TRP D 212 -7.54 -16.67 -4.89
N ILE D 213 -6.21 -16.51 -4.92
N ILE D 213 -6.21 -16.53 -4.92
CA ILE D 213 -5.31 -17.54 -5.44
CA ILE D 213 -5.35 -17.54 -5.53
C ILE D 213 -5.49 -18.81 -4.61
C ILE D 213 -5.33 -18.80 -4.66
N GLY D 214 -5.67 -19.95 -5.27
CA GLY D 214 -5.81 -21.21 -4.54
C GLY D 214 -4.50 -21.83 -4.05
N PRO D 215 -4.60 -23.00 -3.40
CA PRO D 215 -3.38 -23.67 -2.92
C PRO D 215 -2.55 -24.27 -4.06
N PRO D 216 -1.31 -24.70 -3.76
CA PRO D 216 -0.52 -25.27 -4.86
C PRO D 216 -1.11 -26.59 -5.35
N GLY D 217 -0.66 -27.06 -6.51
CA GLY D 217 -1.10 -28.35 -7.04
C GLY D 217 -0.57 -29.51 -6.23
N ASP D 218 -1.17 -30.69 -6.41
CA ASP D 218 -0.67 -31.91 -5.80
C ASP D 218 0.74 -32.22 -6.31
N LYS D 219 1.50 -32.93 -5.51
CA LYS D 219 2.83 -33.40 -5.90
C LYS D 219 2.80 -34.23 -7.18
N TYR D 220 3.73 -33.95 -8.07
CA TYR D 220 3.85 -34.72 -9.29
C TYR D 220 5.14 -35.50 -9.23
N ASP D 221 6.25 -34.80 -9.40
CA ASP D 221 7.60 -35.38 -9.30
C ASP D 221 8.01 -35.33 -7.81
N ALA D 222 7.79 -36.41 -7.08
CA ALA D 222 8.01 -36.43 -5.63
C ALA D 222 8.63 -37.75 -5.17
N GLY D 223 9.34 -38.38 -6.10
CA GLY D 223 10.03 -39.65 -5.83
C GLY D 223 11.36 -39.57 -5.11
N PRO D 224 12.08 -40.69 -5.07
CA PRO D 224 13.22 -40.98 -4.19
C PRO D 224 14.31 -39.90 -3.97
N ASP D 225 14.64 -39.17 -5.03
N ASP D 225 14.70 -39.18 -5.02
CA ASP D 225 15.72 -38.20 -5.02
CA ASP D 225 15.77 -38.19 -4.91
C ASP D 225 15.25 -36.75 -4.77
C ASP D 225 15.27 -36.76 -4.61
N THR D 226 13.96 -36.58 -4.54
CA THR D 226 13.40 -35.24 -4.40
C THR D 226 13.34 -34.70 -2.98
N ASP D 227 13.31 -33.37 -2.92
CA ASP D 227 13.04 -32.68 -1.67
C ASP D 227 11.72 -33.10 -1.01
N PHE D 228 10.64 -33.22 -1.79
CA PHE D 228 9.37 -33.70 -1.27
C PHE D 228 9.51 -35.03 -0.51
N ALA D 229 10.19 -35.99 -1.14
CA ALA D 229 10.31 -37.33 -0.55
C ALA D 229 11.12 -37.28 0.74
N ALA D 230 12.20 -36.49 0.76
CA ALA D 230 13.05 -36.38 1.94
C ALA D 230 12.21 -35.91 3.12
N VAL D 231 11.44 -34.82 2.93
CA VAL D 231 10.65 -34.25 4.01
C VAL D 231 9.52 -35.18 4.44
N ASP D 232 8.84 -35.78 3.46
CA ASP D 232 7.73 -36.68 3.71
C ASP D 232 8.18 -37.90 4.49
N GLU D 233 9.42 -38.32 4.27
CA GLU D 233 9.97 -39.45 5.02
C GLU D 233 10.64 -39.06 6.36
N GLY D 234 10.58 -37.78 6.72
CA GLY D 234 11.11 -37.33 8.00
C GLY D 234 12.57 -36.94 8.01
N TYR D 235 13.16 -36.66 6.85
CA TYR D 235 14.53 -36.14 6.76
C TYR D 235 14.52 -34.66 6.48
N VAL D 236 15.55 -33.97 6.97
CA VAL D 236 15.87 -32.63 6.51
C VAL D 236 16.32 -32.75 5.06
N SER D 237 15.78 -31.87 4.21
CA SER D 237 16.18 -31.83 2.82
C SER D 237 17.08 -30.63 2.60
N VAL D 238 18.20 -30.85 1.93
CA VAL D 238 19.07 -29.75 1.53
C VAL D 238 19.24 -29.78 0.03
N THR D 239 18.79 -28.71 -0.65
CA THR D 239 18.98 -28.58 -2.10
C THR D 239 19.85 -27.40 -2.44
N PRO D 240 20.99 -27.64 -3.09
CA PRO D 240 21.75 -26.50 -3.58
C PRO D 240 21.00 -25.85 -4.75
N LEU D 241 20.92 -24.52 -4.74
CA LEU D 241 20.20 -23.77 -5.78
C LEU D 241 21.13 -22.82 -6.50
N HIS D 242 20.75 -22.44 -7.72
CA HIS D 242 21.41 -21.36 -8.44
C HIS D 242 20.35 -20.46 -9.05
N VAL D 243 20.75 -19.34 -9.64
CA VAL D 243 19.78 -18.38 -10.20
C VAL D 243 19.66 -18.45 -11.73
N ASP D 244 20.49 -19.24 -12.38
CA ASP D 244 20.45 -19.37 -13.86
C ASP D 244 19.22 -20.17 -14.27
N LEU D 245 18.25 -19.52 -14.91
CA LEU D 245 16.99 -20.14 -15.31
C LEU D 245 17.07 -20.87 -16.65
N THR D 246 18.22 -20.79 -17.32
CA THR D 246 18.40 -21.45 -18.64
C THR D 246 18.12 -22.94 -18.58
N ALA D 247 17.24 -23.40 -19.46
CA ALA D 247 17.01 -24.85 -19.61
C ALA D 247 18.04 -25.34 -20.65
N HIS D 248 19.26 -25.60 -20.18
CA HIS D 248 20.38 -25.92 -21.08
C HIS D 248 20.11 -27.12 -21.94
N SER D 249 19.41 -28.11 -21.39
CA SER D 249 19.19 -29.33 -22.19
C SER D 249 18.18 -29.15 -23.34
N ALA D 250 17.47 -28.01 -23.37
CA ALA D 250 16.52 -27.71 -24.45
C ALA D 250 17.14 -26.98 -25.62
N HIS D 251 18.42 -26.65 -25.50
CA HIS D 251 19.07 -25.79 -26.46
C HIS D 251 18.96 -26.27 -27.90
N ASP D 252 19.37 -27.51 -28.11
CA ASP D 252 19.42 -28.10 -29.45
C ASP D 252 18.02 -28.32 -30.01
N VAL D 253 17.06 -28.74 -29.18
CA VAL D 253 15.67 -28.92 -29.63
C VAL D 253 15.08 -27.61 -30.09
N VAL D 254 15.32 -26.53 -29.31
CA VAL D 254 14.84 -25.22 -29.75
C VAL D 254 15.53 -24.78 -31.05
N SER D 255 16.85 -25.00 -31.15
CA SER D 255 17.58 -24.69 -32.37
C SER D 255 16.99 -25.47 -33.57
N ASP D 256 16.84 -26.78 -33.39
CA ASP D 256 16.21 -27.63 -34.46
C ASP D 256 14.80 -27.18 -34.79
N TRP D 257 14.04 -26.80 -33.77
CA TRP D 257 12.68 -26.33 -34.02
C TRP D 257 12.68 -25.07 -34.86
N LEU D 258 13.53 -24.09 -34.52
CA LEU D 258 13.55 -22.85 -35.27
C LEU D 258 13.91 -23.13 -36.73
N ASP D 259 14.89 -24.02 -36.93
CA ASP D 259 15.31 -24.41 -38.29
C ASP D 259 14.12 -25.05 -39.02
N SER D 260 13.42 -25.97 -38.36
CA SER D 260 12.23 -26.59 -38.99
C SER D 260 11.13 -25.60 -39.44
N VAL D 261 10.76 -24.66 -38.57
CA VAL D 261 9.67 -23.73 -38.90
C VAL D 261 10.15 -22.52 -39.71
N GLY D 262 11.46 -22.42 -39.87
CA GLY D 262 12.11 -21.37 -40.70
C GLY D 262 12.11 -19.96 -40.12
N VAL D 263 11.89 -19.87 -38.81
CA VAL D 263 11.87 -18.55 -38.18
C VAL D 263 13.29 -18.03 -37.99
N GLY D 264 13.57 -16.86 -38.53
CA GLY D 264 14.87 -16.26 -38.41
C GLY D 264 15.84 -16.55 -39.53
N THR D 265 15.40 -17.34 -40.51
CA THR D 265 16.18 -17.58 -41.74
C THR D 265 15.42 -17.53 -43.06
N GLN D 266 15.98 -16.82 -44.05
CA GLN D 266 15.28 -16.57 -45.33
C GLN D 266 14.96 -17.82 -46.12
N TRP D 267 15.75 -18.88 -45.93
CA TRP D 267 15.68 -20.08 -46.76
C TRP D 267 15.17 -21.24 -45.96
#